data_6H7N
#
_entry.id   6H7N
#
_cell.length_a   116.410
_cell.length_b   121.533
_cell.length_c   130.247
_cell.angle_alpha   90.00
_cell.angle_beta   90.00
_cell.angle_gamma   90.00
#
_symmetry.space_group_name_H-M   'P 21 21 21'
#
loop_
_entity.id
_entity.type
_entity.pdbx_description
1 polymer 'Thioredoxin 1'
2 polymer 'Beta-1 adrenergic receptor'
3 polymer 'Camelid antibody fragment Nb6B9'
4 non-polymer ~{N}-[2-[[(2~{S})-2-oxidanyl-3-(4-oxidanylphenoxy)propyl]amino]ethyl]morpholine-4-carboxamide
5 non-polymer 'SODIUM ION'
6 non-polymer HEGA-10
7 water water
#
loop_
_entity_poly.entity_id
_entity_poly.type
_entity_poly.pdbx_seq_one_letter_code
_entity_poly.pdbx_strand_id
1 'polypeptide(L)'
;SDKIIHLTDDSFDTDVLKADGAILVDFWAEWSGPSKMIAPILDEIADEYQGKLTVAKLNIDQNPGTAPKYGIRGIPTLLL
FKNGEVAATKVGALSKGQLKEFLDANLAE
;
E,F
2 'polypeptide(L)'
;AAAKVMSLLMALVVLLIVAGNVLVIAAIGSTQRLQTLTNLFITSLACADLVVGLLVVPFGATLVVRGTWLWGSFLCELWT
SLDVLCVTASIETLCVIAIDRYLAITSPFRYQSLMTRARAKVIICTVWAISALVSFLPIMMHWWRDEDPQALKCYQDPGC
CDFVTNRAYAIASSIISFYIPLLIMIFVYLRVYREAKEQIRKIDRASKRKTSRVMAMKEHKALKTLGIIMGVFTLCWLPF
FLVNIVNVFNRDLVPDWLFVAFNWLGYANSAMNPIIYCRSPDFRKAFKRLLAFPRKADRRLHHHHHH
;
A,B
3 'polypeptide(L)'
;SQVQLQESGGGLVQAGGSLRLSCAASGSIFALNIMGWYRQAPGKQRELVAAIHSGGTTNYANSVKGRFTISRDNAANTVY
LQMNSLKPEDTAVYYCNVKDFGAIIYDYDYWGQGTQVTVSS
;
C,D
#
loop_
_chem_comp.id
_chem_comp.type
_chem_comp.name
_chem_comp.formula
2CV non-polymer HEGA-10 'C18 H37 N O7'
FVK non-polymer ~{N}-[2-[[(2~{S})-2-oxidanyl-3-(4-oxidanylphenoxy)propyl]amino]ethyl]morpholine-4-carboxamide 'C16 H25 N3 O5'
NA non-polymer 'SODIUM ION' 'Na 1'
#
# COMPACT_ATOMS: atom_id res chain seq x y z
N LYS A 3 -49.95 -38.40 1.79
CA LYS A 3 -49.59 -37.39 0.73
C LYS A 3 -48.32 -37.72 -0.06
N ILE A 4 -47.54 -38.71 0.39
CA ILE A 4 -46.28 -39.11 -0.26
C ILE A 4 -46.53 -40.17 -1.35
N ILE A 5 -45.97 -39.94 -2.54
CA ILE A 5 -45.94 -40.95 -3.60
C ILE A 5 -44.75 -41.87 -3.36
N HIS A 6 -44.97 -43.18 -3.51
CA HIS A 6 -43.93 -44.18 -3.30
C HIS A 6 -43.50 -44.77 -4.65
N LEU A 7 -42.34 -44.31 -5.11
CA LEU A 7 -41.91 -44.45 -6.50
C LEU A 7 -41.32 -45.83 -6.81
N THR A 8 -41.48 -46.25 -8.08
CA THR A 8 -40.77 -47.39 -8.65
C THR A 8 -39.82 -46.87 -9.72
N ASP A 9 -39.02 -47.77 -10.30
CA ASP A 9 -38.25 -47.49 -11.52
C ASP A 9 -39.15 -47.09 -12.70
N ASP A 10 -40.20 -47.88 -12.93
CA ASP A 10 -41.07 -47.70 -14.10
C ASP A 10 -41.98 -46.48 -14.00
N SER A 11 -42.55 -46.25 -12.81
CA SER A 11 -43.42 -45.11 -12.58
C SER A 11 -42.70 -43.75 -12.48
N PHE A 12 -41.36 -43.75 -12.38
CA PHE A 12 -40.57 -42.52 -12.19
C PHE A 12 -40.79 -41.47 -13.30
N ASP A 13 -40.89 -41.92 -14.55
CA ASP A 13 -41.14 -41.03 -15.68
C ASP A 13 -42.50 -40.32 -15.55
N THR A 14 -43.54 -41.06 -15.18
CA THR A 14 -44.89 -40.52 -15.05
C THR A 14 -45.10 -39.73 -13.75
N ASP A 15 -44.52 -40.21 -12.66
CA ASP A 15 -44.70 -39.61 -11.33
C ASP A 15 -43.85 -38.35 -11.05
N VAL A 16 -42.72 -38.21 -11.76
CA VAL A 16 -41.76 -37.10 -11.49
C VAL A 16 -41.44 -36.23 -12.70
N LEU A 17 -41.12 -36.84 -13.84
CA LEU A 17 -40.69 -36.09 -15.03
C LEU A 17 -41.86 -35.42 -15.75
N LYS A 18 -42.95 -36.17 -15.92
CA LYS A 18 -44.19 -35.65 -16.51
C LYS A 18 -45.11 -34.92 -15.51
N ALA A 19 -44.82 -35.03 -14.21
CA ALA A 19 -45.72 -34.51 -13.17
C ALA A 19 -45.70 -32.99 -13.05
N ASP A 20 -46.87 -32.44 -12.76
CA ASP A 20 -47.05 -30.99 -12.61
C ASP A 20 -46.45 -30.50 -11.29
N GLY A 21 -45.95 -29.28 -11.29
CA GLY A 21 -45.42 -28.64 -10.09
C GLY A 21 -44.09 -29.19 -9.63
N ALA A 22 -43.73 -28.85 -8.40
CA ALA A 22 -42.45 -29.25 -7.81
C ALA A 22 -42.58 -30.61 -7.13
N ILE A 23 -41.65 -31.52 -7.42
CA ILE A 23 -41.57 -32.85 -6.79
C ILE A 23 -40.25 -32.94 -6.02
N LEU A 24 -40.32 -33.28 -4.73
CA LEU A 24 -39.13 -33.50 -3.91
C LEU A 24 -38.92 -35.01 -3.76
N VAL A 25 -37.90 -35.54 -4.44
CA VAL A 25 -37.62 -36.98 -4.43
C VAL A 25 -36.59 -37.30 -3.35
N ASP A 26 -36.89 -38.29 -2.51
CA ASP A 26 -35.96 -38.81 -1.50
C ASP A 26 -35.43 -40.19 -1.94
N PHE A 27 -34.11 -40.28 -2.10
CA PHE A 27 -33.44 -41.55 -2.41
C PHE A 27 -32.97 -42.15 -1.10
N TRP A 28 -33.64 -43.22 -0.69
CA TRP A 28 -33.44 -43.84 0.63
C TRP A 28 -33.21 -45.34 0.47
N ALA A 29 -32.64 -45.96 1.50
CA ALA A 29 -32.47 -47.41 1.57
C ALA A 29 -32.77 -47.86 3.00
N GLU A 30 -33.28 -49.08 3.13
CA GLU A 30 -33.63 -49.63 4.44
C GLU A 30 -32.40 -49.82 5.32
N TRP A 31 -31.27 -50.15 4.71
CA TRP A 31 -29.99 -50.35 5.43
C TRP A 31 -29.38 -49.07 6.01
N SER A 32 -29.56 -47.93 5.35
CA SER A 32 -28.93 -46.68 5.78
C SER A 32 -29.67 -46.02 6.95
N GLY A 33 -28.94 -45.82 8.06
CA GLY A 33 -29.45 -45.11 9.23
C GLY A 33 -29.74 -43.64 8.99
N PRO A 34 -28.82 -42.92 8.31
CA PRO A 34 -29.07 -41.54 7.88
C PRO A 34 -30.31 -41.35 6.99
N SER A 35 -30.61 -42.33 6.14
CA SER A 35 -31.79 -42.30 5.27
C SER A 35 -33.12 -42.39 6.04
N LYS A 36 -33.08 -43.01 7.21
CA LYS A 36 -34.25 -43.17 8.09
C LYS A 36 -34.51 -41.92 8.96
N MET A 37 -33.45 -41.23 9.38
CA MET A 37 -33.57 -40.03 10.23
C MET A 37 -34.48 -38.92 9.66
N ILE A 38 -34.52 -38.81 8.33
CA ILE A 38 -35.37 -37.83 7.63
C ILE A 38 -36.78 -38.32 7.25
N ALA A 39 -37.03 -39.63 7.30
CA ALA A 39 -38.35 -40.21 6.99
C ALA A 39 -39.56 -39.55 7.72
N PRO A 40 -39.50 -39.43 9.08
CA PRO A 40 -40.61 -38.76 9.78
C PRO A 40 -40.66 -37.25 9.56
N ILE A 41 -39.52 -36.64 9.19
CA ILE A 41 -39.46 -35.21 8.86
C ILE A 41 -40.13 -34.96 7.51
N LEU A 42 -39.85 -35.81 6.51
CA LEU A 42 -40.49 -35.69 5.19
C LEU A 42 -42.01 -35.83 5.24
N ASP A 43 -42.51 -36.68 6.14
CA ASP A 43 -43.95 -36.84 6.35
C ASP A 43 -44.64 -35.53 6.77
N GLU A 44 -44.00 -34.81 7.68
CA GLU A 44 -44.52 -33.51 8.14
C GLU A 44 -44.41 -32.44 7.05
N ILE A 45 -43.38 -32.52 6.21
CA ILE A 45 -43.20 -31.62 5.05
C ILE A 45 -44.29 -31.81 4.00
N ALA A 46 -44.72 -33.06 3.79
CA ALA A 46 -45.78 -33.36 2.83
C ALA A 46 -47.09 -32.66 3.15
N ASP A 47 -47.45 -32.62 4.44
CA ASP A 47 -48.66 -31.92 4.92
C ASP A 47 -48.47 -30.41 5.01
N GLU A 48 -47.35 -29.96 5.57
CA GLU A 48 -47.08 -28.53 5.74
C GLU A 48 -46.85 -27.77 4.43
N TYR A 49 -46.37 -28.46 3.40
CA TYR A 49 -46.20 -27.86 2.06
C TYR A 49 -47.16 -28.45 1.02
N GLN A 50 -48.42 -28.68 1.43
CA GLN A 50 -49.47 -29.07 0.48
C GLN A 50 -49.71 -27.92 -0.50
N GLY A 51 -49.89 -28.24 -1.78
CA GLY A 51 -50.08 -27.24 -2.83
C GLY A 51 -48.79 -26.72 -3.44
N LYS A 52 -47.81 -26.41 -2.59
CA LYS A 52 -46.49 -25.91 -3.02
C LYS A 52 -45.55 -27.01 -3.56
N LEU A 53 -45.59 -28.20 -2.94
CA LEU A 53 -44.69 -29.30 -3.28
C LEU A 53 -45.39 -30.67 -3.17
N THR A 54 -44.78 -31.66 -3.82
CA THR A 54 -45.18 -33.07 -3.71
C THR A 54 -43.96 -33.90 -3.29
N VAL A 55 -44.02 -34.51 -2.11
CA VAL A 55 -42.93 -35.36 -1.61
C VAL A 55 -43.03 -36.72 -2.30
N ALA A 56 -41.88 -37.28 -2.70
CA ALA A 56 -41.80 -38.61 -3.31
C ALA A 56 -40.61 -39.39 -2.76
N LYS A 57 -40.74 -40.72 -2.72
CA LYS A 57 -39.73 -41.60 -2.13
C LYS A 57 -39.43 -42.80 -3.03
N LEU A 58 -38.15 -43.12 -3.18
CA LEU A 58 -37.70 -44.24 -4.01
C LEU A 58 -36.65 -45.05 -3.26
N ASN A 59 -36.96 -46.32 -2.98
CA ASN A 59 -36.04 -47.23 -2.29
C ASN A 59 -34.97 -47.71 -3.29
N ILE A 60 -33.69 -47.50 -2.96
CA ILE A 60 -32.59 -47.87 -3.86
C ILE A 60 -32.33 -49.39 -3.93
N ASP A 61 -32.64 -50.10 -2.84
CA ASP A 61 -32.61 -51.57 -2.82
C ASP A 61 -33.64 -52.14 -3.78
N GLN A 62 -34.88 -51.66 -3.66
CA GLN A 62 -36.00 -52.10 -4.51
C GLN A 62 -35.78 -51.71 -5.98
N ASN A 63 -35.32 -50.48 -6.20
CA ASN A 63 -35.25 -49.89 -7.54
C ASN A 63 -33.85 -49.30 -7.79
N PRO A 64 -32.89 -50.17 -8.16
CA PRO A 64 -31.51 -49.73 -8.38
C PRO A 64 -31.24 -49.05 -9.72
N GLY A 65 -32.21 -49.04 -10.64
CA GLY A 65 -32.04 -48.45 -11.96
C GLY A 65 -32.02 -46.92 -12.02
N THR A 66 -32.80 -46.25 -11.16
CA THR A 66 -32.97 -44.80 -11.22
C THR A 66 -31.80 -43.99 -10.65
N ALA A 67 -31.19 -44.47 -9.56
CA ALA A 67 -30.10 -43.74 -8.86
C ALA A 67 -28.81 -43.48 -9.67
N PRO A 68 -28.35 -44.49 -10.46
CA PRO A 68 -27.22 -44.26 -11.39
C PRO A 68 -27.41 -43.14 -12.42
N LYS A 69 -28.63 -42.99 -12.94
CA LYS A 69 -28.95 -41.99 -13.97
C LYS A 69 -28.75 -40.53 -13.53
N TYR A 70 -28.94 -40.26 -12.23
CA TYR A 70 -28.74 -38.92 -11.66
C TYR A 70 -27.46 -38.77 -10.83
N GLY A 71 -26.65 -39.83 -10.76
CA GLY A 71 -25.31 -39.76 -10.18
C GLY A 71 -25.30 -39.65 -8.67
N ILE A 72 -26.10 -40.49 -8.00
CA ILE A 72 -26.22 -40.46 -6.55
C ILE A 72 -25.05 -41.24 -5.95
N ARG A 73 -24.20 -40.55 -5.17
CA ARG A 73 -23.09 -41.18 -4.45
C ARG A 73 -23.53 -41.60 -3.04
N GLY A 74 -23.86 -40.62 -2.21
CA GLY A 74 -24.28 -40.84 -0.83
C GLY A 74 -25.80 -40.84 -0.69
N ILE A 75 -26.27 -41.27 0.47
CA ILE A 75 -27.70 -41.22 0.83
C ILE A 75 -27.87 -40.81 2.30
N PRO A 76 -28.94 -40.04 2.61
CA PRO A 76 -30.04 -39.62 1.74
C PRO A 76 -29.68 -38.44 0.85
N THR A 77 -30.18 -38.46 -0.39
CA THR A 77 -30.02 -37.36 -1.33
C THR A 77 -31.41 -36.89 -1.75
N LEU A 78 -31.68 -35.60 -1.51
CA LEU A 78 -32.95 -34.96 -1.86
C LEU A 78 -32.78 -34.15 -3.15
N LEU A 79 -33.39 -34.62 -4.24
CA LEU A 79 -33.42 -33.92 -5.53
C LEU A 79 -34.77 -33.24 -5.71
N LEU A 80 -34.76 -31.91 -5.78
CA LEU A 80 -35.97 -31.15 -6.07
C LEU A 80 -36.13 -31.04 -7.59
N PHE A 81 -37.30 -31.48 -8.07
CA PHE A 81 -37.61 -31.54 -9.50
C PHE A 81 -38.62 -30.45 -9.86
N LYS A 82 -38.40 -29.79 -11.01
CA LYS A 82 -39.28 -28.73 -11.51
C LYS A 82 -39.40 -28.84 -13.02
N ASN A 83 -40.58 -29.31 -13.47
CA ASN A 83 -40.90 -29.51 -14.89
C ASN A 83 -39.87 -30.43 -15.59
N GLY A 84 -39.64 -31.60 -14.99
CA GLY A 84 -38.76 -32.61 -15.55
C GLY A 84 -37.26 -32.34 -15.49
N GLU A 85 -36.84 -31.36 -14.69
CA GLU A 85 -35.42 -31.02 -14.52
C GLU A 85 -35.10 -30.90 -13.03
N VAL A 86 -33.88 -31.23 -12.65
CA VAL A 86 -33.43 -31.08 -11.25
C VAL A 86 -32.99 -29.63 -11.01
N ALA A 87 -33.74 -28.92 -10.17
CA ALA A 87 -33.48 -27.51 -9.89
C ALA A 87 -32.38 -27.32 -8.84
N ALA A 88 -32.43 -28.12 -7.77
CA ALA A 88 -31.42 -28.09 -6.69
C ALA A 88 -31.26 -29.45 -6.01
N THR A 89 -30.18 -29.58 -5.24
CA THR A 89 -29.79 -30.84 -4.59
C THR A 89 -29.32 -30.58 -3.16
N LYS A 90 -29.67 -31.51 -2.25
CA LYS A 90 -29.19 -31.52 -0.86
C LYS A 90 -28.82 -32.96 -0.49
N VAL A 91 -27.68 -33.14 0.17
CA VAL A 91 -27.13 -34.47 0.48
C VAL A 91 -26.84 -34.59 1.98
N GLY A 92 -27.12 -35.77 2.53
CA GLY A 92 -27.00 -36.02 3.98
C GLY A 92 -28.26 -35.64 4.75
N ALA A 93 -28.28 -35.99 6.03
CA ALA A 93 -29.46 -35.82 6.89
C ALA A 93 -29.60 -34.39 7.42
N LEU A 94 -30.84 -34.02 7.72
CA LEU A 94 -31.19 -32.67 8.18
C LEU A 94 -32.23 -32.69 9.29
N SER A 95 -32.34 -31.58 10.00
CA SER A 95 -33.46 -31.33 10.92
C SER A 95 -34.61 -30.68 10.13
N LYS A 96 -35.74 -30.46 10.80
CA LYS A 96 -36.93 -29.86 10.17
C LYS A 96 -36.67 -28.43 9.69
N GLY A 97 -35.94 -27.64 10.48
CA GLY A 97 -35.62 -26.25 10.16
C GLY A 97 -34.63 -26.07 9.01
N GLN A 98 -33.63 -26.96 8.93
CA GLN A 98 -32.64 -26.94 7.85
C GLN A 98 -33.27 -27.28 6.49
N LEU A 99 -34.13 -28.29 6.48
CA LEU A 99 -34.88 -28.68 5.27
C LEU A 99 -35.88 -27.61 4.83
N LYS A 100 -36.51 -26.92 5.78
CA LYS A 100 -37.46 -25.85 5.46
C LYS A 100 -36.80 -24.67 4.74
N GLU A 101 -35.62 -24.26 5.20
CA GLU A 101 -34.88 -23.16 4.55
C GLU A 101 -34.43 -23.52 3.12
N PHE A 102 -34.05 -24.78 2.91
CA PHE A 102 -33.72 -25.30 1.58
C PHE A 102 -34.93 -25.24 0.64
N LEU A 103 -36.10 -25.65 1.14
CA LEU A 103 -37.34 -25.63 0.36
C LEU A 103 -37.89 -24.22 0.17
N ASP A 104 -37.95 -23.44 1.24
CA ASP A 104 -38.44 -22.05 1.20
C ASP A 104 -37.68 -21.18 0.20
N ALA A 105 -36.34 -21.31 0.19
CA ALA A 105 -35.49 -20.59 -0.77
C ALA A 105 -35.68 -21.08 -2.22
N ASN A 106 -35.72 -22.39 -2.39
CA ASN A 106 -35.84 -23.00 -3.73
C ASN A 106 -37.24 -22.92 -4.35
N LEU A 107 -38.29 -22.93 -3.53
CA LEU A 107 -39.69 -22.93 -4.04
C LEU A 107 -40.19 -21.55 -4.50
N ALA A 108 -40.11 -20.55 -3.62
CA ALA A 108 -40.44 -19.16 -3.97
C ALA A 108 -39.38 -18.60 -4.92
N GLU A 109 -39.32 -19.22 -6.11
CA GLU A 109 -38.20 -19.15 -7.07
C GLU A 109 -36.85 -18.71 -6.50
N ALA B 2 -36.37 -17.01 -2.88
CA ALA B 2 -35.04 -16.49 -2.44
C ALA B 2 -34.39 -15.61 -3.51
N ALA B 3 -34.25 -16.15 -4.72
CA ALA B 3 -33.65 -15.40 -5.85
C ALA B 3 -34.50 -14.21 -6.33
N LYS B 4 -35.80 -14.23 -6.02
CA LYS B 4 -36.66 -13.06 -6.20
C LYS B 4 -36.31 -11.94 -5.22
N VAL B 5 -36.05 -12.32 -3.97
CA VAL B 5 -35.66 -11.37 -2.90
C VAL B 5 -34.22 -10.88 -3.09
N MET B 6 -33.35 -11.75 -3.60
CA MET B 6 -31.94 -11.41 -3.85
C MET B 6 -31.78 -10.29 -4.89
N SER B 7 -32.61 -10.30 -5.94
CA SER B 7 -32.58 -9.25 -6.96
C SER B 7 -33.20 -7.92 -6.48
N LEU B 8 -34.25 -8.02 -5.66
CA LEU B 8 -34.89 -6.85 -5.06
C LEU B 8 -33.96 -6.15 -4.05
N LEU B 9 -33.13 -6.92 -3.37
CA LEU B 9 -32.12 -6.39 -2.45
C LEU B 9 -31.07 -5.56 -3.21
N MET B 10 -30.51 -6.13 -4.27
CA MET B 10 -29.57 -5.42 -5.14
C MET B 10 -30.08 -4.07 -5.66
N ALA B 11 -31.39 -3.98 -5.92
CA ALA B 11 -32.00 -2.76 -6.45
C ALA B 11 -31.85 -1.58 -5.50
N LEU B 12 -32.19 -1.79 -4.22
CA LEU B 12 -32.08 -0.73 -3.22
C LEU B 12 -30.61 -0.39 -2.87
N VAL B 13 -29.70 -1.36 -2.98
CA VAL B 13 -28.26 -1.10 -2.80
C VAL B 13 -27.80 -0.03 -3.78
N VAL B 14 -28.22 -0.14 -5.03
CA VAL B 14 -27.93 0.90 -6.04
C VAL B 14 -28.61 2.23 -5.67
N LEU B 15 -29.85 2.14 -5.21
CA LEU B 15 -30.62 3.33 -4.87
C LEU B 15 -30.04 4.07 -3.66
N LEU B 16 -29.74 3.32 -2.59
CA LEU B 16 -29.15 3.91 -1.38
C LEU B 16 -27.80 4.60 -1.64
N ILE B 17 -26.97 3.96 -2.47
CA ILE B 17 -25.67 4.51 -2.82
C ILE B 17 -25.85 5.80 -3.60
N VAL B 18 -26.61 5.75 -4.68
CA VAL B 18 -26.74 6.92 -5.56
C VAL B 18 -27.45 8.05 -4.82
N ALA B 19 -28.60 7.76 -4.22
CA ALA B 19 -29.33 8.75 -3.43
C ALA B 19 -28.41 9.42 -2.39
N GLY B 20 -27.82 8.58 -1.54
CA GLY B 20 -26.96 9.04 -0.46
C GLY B 20 -25.82 9.91 -0.94
N ASN B 21 -25.01 9.37 -1.85
CA ASN B 21 -23.81 10.07 -2.30
C ASN B 21 -24.11 11.31 -3.15
N VAL B 22 -25.20 11.28 -3.92
CA VAL B 22 -25.63 12.49 -4.65
C VAL B 22 -26.00 13.60 -3.67
N LEU B 23 -26.66 13.21 -2.59
CA LEU B 23 -27.14 14.16 -1.59
C LEU B 23 -25.99 14.86 -0.87
N VAL B 24 -24.91 14.11 -0.60
CA VAL B 24 -23.71 14.64 0.03
C VAL B 24 -23.02 15.64 -0.88
N ILE B 25 -22.77 15.23 -2.12
CA ILE B 25 -22.05 16.06 -3.08
C ILE B 25 -22.82 17.34 -3.36
N ALA B 26 -24.15 17.21 -3.45
CA ALA B 26 -25.03 18.38 -3.59
C ALA B 26 -24.88 19.34 -2.41
N ALA B 27 -24.91 18.78 -1.20
CA ALA B 27 -24.84 19.58 0.02
C ALA B 27 -23.53 20.35 0.14
N ILE B 28 -22.43 19.71 -0.24
CA ILE B 28 -21.12 20.35 -0.15
C ILE B 28 -20.97 21.43 -1.22
N GLY B 29 -21.37 21.13 -2.44
CA GLY B 29 -21.29 22.09 -3.54
C GLY B 29 -22.21 23.29 -3.42
N SER B 30 -23.37 23.09 -2.79
CA SER B 30 -24.38 24.13 -2.64
C SER B 30 -24.20 25.02 -1.39
N THR B 31 -23.53 24.51 -0.36
CA THR B 31 -23.39 25.21 0.93
C THR B 31 -21.95 25.68 1.16
N GLN B 32 -21.76 27.00 1.23
CA GLN B 32 -20.45 27.62 1.52
C GLN B 32 -19.88 27.13 2.86
N ARG B 33 -20.74 27.01 3.86
CA ARG B 33 -20.38 26.57 5.21
C ARG B 33 -19.75 25.15 5.22
N LEU B 34 -20.29 24.25 4.39
CA LEU B 34 -19.83 22.87 4.32
C LEU B 34 -18.51 22.69 3.58
N GLN B 35 -18.07 23.69 2.83
CA GLN B 35 -16.83 23.59 2.05
C GLN B 35 -15.58 23.74 2.91
N THR B 36 -15.48 22.88 3.93
CA THR B 36 -14.34 22.85 4.85
C THR B 36 -13.30 21.88 4.27
N LEU B 37 -12.20 21.73 4.99
CA LEU B 37 -11.06 20.94 4.51
C LEU B 37 -11.34 19.44 4.59
N THR B 38 -11.88 18.99 5.72
CA THR B 38 -12.32 17.60 5.87
C THR B 38 -13.30 17.20 4.78
N ASN B 39 -14.29 18.05 4.51
CA ASN B 39 -15.30 17.76 3.49
C ASN B 39 -14.80 17.73 2.05
N LEU B 40 -13.60 18.28 1.84
CA LEU B 40 -12.87 18.07 0.58
C LEU B 40 -12.55 16.59 0.40
N PHE B 41 -12.05 15.95 1.46
CA PHE B 41 -11.82 14.50 1.46
C PHE B 41 -13.12 13.71 1.40
N ILE B 42 -14.18 14.20 2.05
CA ILE B 42 -15.49 13.57 1.97
C ILE B 42 -16.02 13.62 0.53
N THR B 43 -15.72 14.70 -0.18
CA THR B 43 -16.14 14.83 -1.58
C THR B 43 -15.49 13.75 -2.44
N SER B 44 -14.19 13.53 -2.24
CA SER B 44 -13.44 12.45 -2.93
C SER B 44 -14.10 11.09 -2.68
N LEU B 45 -14.39 10.81 -1.42
CA LEU B 45 -15.07 9.57 -1.01
C LEU B 45 -16.42 9.44 -1.69
N ALA B 46 -17.23 10.51 -1.63
CA ALA B 46 -18.57 10.49 -2.22
C ALA B 46 -18.57 10.27 -3.72
N CYS B 47 -17.56 10.78 -4.40
CA CYS B 47 -17.43 10.57 -5.84
C CYS B 47 -17.16 9.10 -6.15
N ALA B 48 -16.23 8.50 -5.42
CA ALA B 48 -15.86 7.09 -5.61
C ALA B 48 -17.05 6.17 -5.37
N ASP B 49 -17.76 6.39 -4.28
CA ASP B 49 -18.94 5.60 -3.94
C ASP B 49 -20.08 5.83 -4.95
N LEU B 50 -20.20 7.06 -5.44
CA LEU B 50 -21.18 7.40 -6.49
C LEU B 50 -20.95 6.64 -7.79
N VAL B 51 -19.69 6.56 -8.23
CA VAL B 51 -19.35 5.81 -9.44
C VAL B 51 -19.58 4.31 -9.22
N VAL B 52 -19.37 3.84 -7.99
CA VAL B 52 -19.69 2.45 -7.62
C VAL B 52 -21.19 2.18 -7.82
N GLY B 53 -22.03 3.10 -7.36
CA GLY B 53 -23.48 2.96 -7.50
C GLY B 53 -24.01 3.05 -8.94
N LEU B 54 -23.43 3.95 -9.73
CA LEU B 54 -23.92 4.21 -11.08
C LEU B 54 -23.50 3.17 -12.09
N LEU B 55 -22.22 2.81 -12.10
CA LEU B 55 -21.66 1.95 -13.14
C LEU B 55 -21.21 0.56 -12.67
N VAL B 56 -20.57 0.48 -11.51
CA VAL B 56 -19.98 -0.78 -11.06
C VAL B 56 -21.04 -1.79 -10.61
N VAL B 57 -21.89 -1.38 -9.67
CA VAL B 57 -22.85 -2.30 -9.06
C VAL B 57 -23.96 -2.78 -10.03
N PRO B 58 -24.50 -1.88 -10.89
CA PRO B 58 -25.53 -2.28 -11.88
C PRO B 58 -25.11 -3.38 -12.85
N PHE B 59 -23.92 -3.24 -13.42
CA PHE B 59 -23.34 -4.24 -14.32
C PHE B 59 -23.09 -5.54 -13.55
N GLY B 60 -22.69 -5.43 -12.29
CA GLY B 60 -22.54 -6.59 -11.43
C GLY B 60 -23.84 -7.29 -11.14
N ALA B 61 -24.91 -6.51 -10.89
CA ALA B 61 -26.25 -7.06 -10.63
C ALA B 61 -26.71 -8.00 -11.75
N THR B 62 -26.52 -7.53 -12.99
CA THR B 62 -26.92 -8.29 -14.16
C THR B 62 -26.18 -9.63 -14.23
N LEU B 63 -24.87 -9.59 -13.99
CA LEU B 63 -24.04 -10.80 -13.99
C LEU B 63 -24.53 -11.90 -13.02
N VAL B 64 -25.14 -11.49 -11.91
CA VAL B 64 -25.72 -12.43 -10.94
C VAL B 64 -27.08 -12.96 -11.43
N VAL B 65 -27.91 -12.08 -11.99
CA VAL B 65 -29.24 -12.45 -12.49
C VAL B 65 -29.16 -13.29 -13.79
N ARG B 66 -28.46 -12.76 -14.79
CA ARG B 66 -28.27 -13.45 -16.07
C ARG B 66 -27.34 -14.68 -16.01
N GLY B 67 -26.49 -14.74 -14.98
CA GLY B 67 -25.53 -15.85 -14.84
C GLY B 67 -24.39 -15.82 -15.85
N THR B 68 -24.21 -14.70 -16.54
CA THR B 68 -23.20 -14.59 -17.59
C THR B 68 -22.96 -13.11 -17.98
N TRP B 69 -21.78 -12.83 -18.52
CA TRP B 69 -21.42 -11.49 -18.98
C TRP B 69 -21.92 -11.23 -20.39
N LEU B 70 -22.74 -10.19 -20.54
CA LEU B 70 -23.43 -9.91 -21.80
C LEU B 70 -22.83 -8.78 -22.63
N TRP B 71 -21.77 -8.13 -22.17
CA TRP B 71 -21.20 -6.96 -22.87
C TRP B 71 -19.78 -7.14 -23.40
N GLY B 72 -19.31 -8.39 -23.50
CA GLY B 72 -18.04 -8.68 -24.20
C GLY B 72 -16.78 -8.39 -23.42
N SER B 73 -15.67 -8.89 -23.94
CA SER B 73 -14.41 -8.99 -23.18
C SER B 73 -13.75 -7.65 -22.85
N PHE B 74 -13.86 -6.68 -23.75
CA PHE B 74 -13.31 -5.35 -23.50
C PHE B 74 -14.00 -4.68 -22.32
N LEU B 75 -15.34 -4.71 -22.32
CA LEU B 75 -16.12 -4.10 -21.24
C LEU B 75 -16.08 -4.88 -19.94
N CYS B 76 -15.82 -6.19 -19.99
CA CYS B 76 -15.51 -6.95 -18.78
C CYS B 76 -14.28 -6.38 -18.10
N GLU B 77 -13.21 -6.19 -18.88
CA GLU B 77 -11.96 -5.62 -18.36
C GLU B 77 -12.16 -4.19 -17.82
N LEU B 78 -12.84 -3.35 -18.58
CA LEU B 78 -13.03 -1.95 -18.22
C LEU B 78 -13.90 -1.80 -16.97
N TRP B 79 -14.99 -2.57 -16.91
CA TRP B 79 -15.84 -2.63 -15.71
C TRP B 79 -15.06 -3.09 -14.49
N THR B 80 -14.23 -4.11 -14.65
CA THR B 80 -13.39 -4.61 -13.57
C THR B 80 -12.36 -3.56 -13.13
N SER B 81 -11.78 -2.86 -14.10
CA SER B 81 -10.82 -1.80 -13.80
C SER B 81 -11.45 -0.65 -13.04
N LEU B 82 -12.62 -0.23 -13.50
CA LEU B 82 -13.41 0.81 -12.84
C LEU B 82 -13.82 0.41 -11.42
N ASP B 83 -14.18 -0.86 -11.24
CA ASP B 83 -14.55 -1.41 -9.93
C ASP B 83 -13.39 -1.29 -8.95
N VAL B 84 -12.25 -1.85 -9.34
CA VAL B 84 -11.04 -1.86 -8.50
C VAL B 84 -10.62 -0.42 -8.17
N LEU B 85 -10.68 0.47 -9.16
CA LEU B 85 -10.28 1.86 -8.98
C LEU B 85 -11.10 2.55 -7.90
N CYS B 86 -12.42 2.43 -8.00
CA CYS B 86 -13.33 3.13 -7.09
C CYS B 86 -13.34 2.55 -5.68
N VAL B 87 -13.16 1.24 -5.54
CA VAL B 87 -13.00 0.61 -4.23
C VAL B 87 -11.66 1.02 -3.60
N THR B 88 -10.60 1.06 -4.40
CA THR B 88 -9.30 1.53 -3.92
C THR B 88 -9.35 3.01 -3.50
N ALA B 89 -9.94 3.86 -4.33
CA ALA B 89 -10.08 5.29 -4.00
C ALA B 89 -10.99 5.54 -2.80
N SER B 90 -12.00 4.70 -2.63
CA SER B 90 -12.91 4.79 -1.49
C SER B 90 -12.16 4.47 -0.18
N ILE B 91 -11.50 3.33 -0.14
CA ILE B 91 -10.87 2.84 1.09
C ILE B 91 -9.66 3.68 1.47
N GLU B 92 -8.82 4.01 0.47
CA GLU B 92 -7.69 4.90 0.72
C GLU B 92 -8.13 6.30 1.18
N THR B 93 -9.27 6.78 0.71
CA THR B 93 -9.82 8.06 1.20
C THR B 93 -10.32 7.96 2.65
N LEU B 94 -10.86 6.82 3.07
CA LEU B 94 -11.25 6.63 4.47
C LEU B 94 -10.06 6.74 5.40
N CYS B 95 -8.95 6.18 4.95
CA CYS B 95 -7.67 6.25 5.63
C CYS B 95 -7.13 7.70 5.76
N VAL B 96 -7.33 8.51 4.71
CA VAL B 96 -6.90 9.91 4.72
C VAL B 96 -7.76 10.75 5.68
N ILE B 97 -9.06 10.51 5.68
CA ILE B 97 -10.01 11.10 6.63
C ILE B 97 -9.60 10.80 8.08
N ALA B 98 -9.27 9.54 8.38
CA ALA B 98 -8.78 9.16 9.71
C ALA B 98 -7.60 10.01 10.14
N ILE B 99 -6.62 10.15 9.24
CA ILE B 99 -5.42 10.94 9.52
C ILE B 99 -5.79 12.41 9.71
N ASP B 100 -6.61 12.93 8.81
CA ASP B 100 -7.08 14.32 8.88
C ASP B 100 -7.73 14.64 10.24
N ARG B 101 -8.69 13.81 10.63
CA ARG B 101 -9.40 13.98 11.91
C ARG B 101 -8.49 13.81 13.11
N TYR B 102 -7.62 12.81 13.07
CA TYR B 102 -6.63 12.60 14.11
C TYR B 102 -5.79 13.85 14.36
N LEU B 103 -5.24 14.43 13.31
CA LEU B 103 -4.45 15.66 13.43
C LEU B 103 -5.31 16.86 13.85
N ALA B 104 -6.52 16.96 13.31
CA ALA B 104 -7.45 18.05 13.65
C ALA B 104 -7.91 18.05 15.12
N ILE B 105 -8.00 16.86 15.71
CA ILE B 105 -8.42 16.69 17.10
C ILE B 105 -7.23 16.81 18.06
N THR B 106 -6.13 16.13 17.76
CA THR B 106 -5.01 16.02 18.71
C THR B 106 -3.96 17.14 18.59
N SER B 107 -3.81 17.73 17.41
CA SER B 107 -2.84 18.81 17.19
C SER B 107 -3.45 19.88 16.30
N PRO B 108 -4.59 20.46 16.71
CA PRO B 108 -5.39 21.35 15.86
C PRO B 108 -4.64 22.57 15.31
N PHE B 109 -3.63 23.05 16.03
CA PHE B 109 -2.91 24.26 15.61
C PHE B 109 -1.80 23.91 14.62
N ARG B 110 -1.06 22.86 14.91
CA ARG B 110 -0.08 22.27 13.98
C ARG B 110 -0.76 21.87 12.65
N TYR B 111 -1.95 21.30 12.73
CA TYR B 111 -2.76 20.89 11.56
C TYR B 111 -3.18 22.06 10.65
N GLN B 112 -3.55 23.21 11.21
CA GLN B 112 -4.06 24.33 10.40
C GLN B 112 -3.02 24.89 9.44
N SER B 113 -1.80 25.11 9.95
CA SER B 113 -0.69 25.61 9.13
C SER B 113 -0.18 24.55 8.17
N LEU B 114 -0.06 23.31 8.64
CA LEU B 114 0.46 22.19 7.83
C LEU B 114 -0.50 21.81 6.69
N MET B 115 -1.73 21.41 7.03
CA MET B 115 -2.71 20.97 6.02
C MET B 115 -3.39 22.15 5.33
N THR B 116 -2.81 22.63 4.23
CA THR B 116 -3.43 23.65 3.39
C THR B 116 -4.44 22.99 2.44
N ARG B 117 -5.24 23.80 1.76
CA ARG B 117 -6.18 23.27 0.76
C ARG B 117 -5.41 22.66 -0.41
N ALA B 118 -4.34 23.34 -0.85
CA ALA B 118 -3.53 22.86 -1.96
C ALA B 118 -2.75 21.57 -1.64
N ARG B 119 -2.36 21.39 -0.38
CA ARG B 119 -1.75 20.13 0.06
C ARG B 119 -2.80 19.01 0.11
N ALA B 120 -4.03 19.35 0.46
CA ALA B 120 -5.14 18.39 0.43
C ALA B 120 -5.46 17.93 -0.98
N LYS B 121 -5.47 18.87 -1.93
CA LYS B 121 -5.71 18.57 -3.35
C LYS B 121 -4.71 17.59 -3.91
N VAL B 122 -3.45 17.72 -3.50
CA VAL B 122 -2.40 16.78 -3.89
C VAL B 122 -2.62 15.40 -3.29
N ILE B 123 -2.99 15.35 -2.00
CA ILE B 123 -3.28 14.06 -1.36
C ILE B 123 -4.42 13.34 -2.11
N ILE B 124 -5.48 14.09 -2.46
CA ILE B 124 -6.62 13.52 -3.18
C ILE B 124 -6.17 12.98 -4.55
N CYS B 125 -5.40 13.77 -5.29
CA CYS B 125 -4.86 13.36 -6.59
C CYS B 125 -3.97 12.13 -6.51
N THR B 126 -3.16 12.03 -5.47
CA THR B 126 -2.36 10.83 -5.22
C THR B 126 -3.21 9.58 -5.06
N VAL B 127 -4.25 9.68 -4.22
CA VAL B 127 -5.16 8.56 -3.97
C VAL B 127 -5.76 8.04 -5.28
N TRP B 128 -6.23 8.93 -6.13
CA TRP B 128 -6.80 8.53 -7.43
C TRP B 128 -5.76 8.00 -8.42
N ALA B 129 -4.55 8.55 -8.39
CA ALA B 129 -3.45 8.04 -9.23
C ALA B 129 -3.03 6.64 -8.82
N ILE B 130 -2.86 6.41 -7.52
CA ILE B 130 -2.54 5.06 -7.01
C ILE B 130 -3.66 4.09 -7.35
N SER B 131 -4.90 4.52 -7.18
CA SER B 131 -6.06 3.70 -7.54
C SER B 131 -6.06 3.30 -9.01
N ALA B 132 -5.75 4.26 -9.88
CA ALA B 132 -5.62 4.01 -11.33
C ALA B 132 -4.52 3.01 -11.66
N LEU B 133 -3.35 3.19 -11.04
CA LEU B 133 -2.20 2.32 -11.31
C LEU B 133 -2.30 0.93 -10.69
N VAL B 134 -3.11 0.76 -9.66
CA VAL B 134 -3.40 -0.56 -9.08
C VAL B 134 -4.46 -1.31 -9.90
N SER B 135 -5.28 -0.56 -10.65
CA SER B 135 -6.46 -1.11 -11.33
C SER B 135 -6.32 -1.16 -12.86
N PHE B 136 -6.35 0.00 -13.52
CA PHE B 136 -6.37 0.06 -14.99
C PHE B 136 -5.09 -0.45 -15.60
N LEU B 137 -3.95 -0.02 -15.06
CA LEU B 137 -2.66 -0.40 -15.63
C LEU B 137 -2.44 -1.93 -15.65
N PRO B 138 -2.59 -2.63 -14.51
CA PRO B 138 -2.38 -4.07 -14.56
C PRO B 138 -3.53 -4.85 -15.25
N ILE B 139 -4.77 -4.42 -15.10
CA ILE B 139 -5.91 -5.18 -15.66
C ILE B 139 -6.02 -5.06 -17.18
N MET B 140 -5.90 -3.83 -17.72
CA MET B 140 -5.96 -3.63 -19.16
C MET B 140 -4.72 -4.19 -19.88
N MET B 141 -3.54 -4.08 -19.27
CA MET B 141 -2.30 -4.61 -19.85
C MET B 141 -2.06 -6.09 -19.51
N HIS B 142 -3.04 -6.78 -18.92
CA HIS B 142 -2.99 -8.23 -18.67
C HIS B 142 -1.93 -8.68 -17.62
N TRP B 143 -1.45 -7.77 -16.78
CA TRP B 143 -0.47 -8.16 -15.74
C TRP B 143 -1.11 -9.00 -14.65
N TRP B 144 -2.39 -8.72 -14.39
CA TRP B 144 -3.20 -9.46 -13.42
C TRP B 144 -3.48 -10.94 -13.79
N ARG B 145 -3.29 -11.32 -15.06
CA ARG B 145 -3.66 -12.64 -15.59
C ARG B 145 -2.97 -13.83 -14.90
N ASP B 146 -3.76 -14.86 -14.60
CA ASP B 146 -3.24 -16.15 -14.14
C ASP B 146 -2.84 -17.02 -15.36
N GLU B 147 -1.90 -17.93 -15.13
CA GLU B 147 -1.38 -18.85 -16.17
C GLU B 147 -2.19 -20.17 -16.26
N ASP B 148 -2.69 -20.66 -15.12
CA ASP B 148 -3.52 -21.85 -15.00
C ASP B 148 -4.52 -22.02 -16.18
N PRO B 149 -4.66 -23.25 -16.75
CA PRO B 149 -5.57 -23.45 -17.89
C PRO B 149 -7.06 -23.12 -17.67
N GLN B 150 -7.58 -23.41 -16.47
CA GLN B 150 -8.98 -23.10 -16.13
C GLN B 150 -9.26 -21.58 -16.13
N ALA B 151 -8.29 -20.79 -15.66
CA ALA B 151 -8.36 -19.32 -15.73
C ALA B 151 -8.29 -18.82 -17.17
N LEU B 152 -7.43 -19.44 -17.97
CA LEU B 152 -7.29 -19.11 -19.40
C LEU B 152 -8.56 -19.39 -20.22
N LYS B 153 -9.41 -20.30 -19.74
CA LYS B 153 -10.72 -20.57 -20.36
C LYS B 153 -11.74 -19.45 -20.15
N CYS B 154 -11.73 -18.83 -18.96
CA CYS B 154 -12.62 -17.68 -18.67
C CYS B 154 -12.16 -16.36 -19.34
N TYR B 155 -10.84 -16.22 -19.55
CA TYR B 155 -10.31 -15.04 -20.25
C TYR B 155 -10.66 -15.03 -21.75
N GLN B 156 -10.69 -16.21 -22.37
CA GLN B 156 -11.08 -16.35 -23.78
C GLN B 156 -12.59 -16.29 -24.01
N ASP B 157 -13.36 -16.86 -23.08
CA ASP B 157 -14.84 -16.82 -23.13
C ASP B 157 -15.36 -15.40 -22.81
N PRO B 158 -16.02 -14.73 -23.79
CA PRO B 158 -16.58 -13.40 -23.51
C PRO B 158 -17.80 -13.40 -22.58
N GLY B 159 -18.44 -14.56 -22.44
CA GLY B 159 -19.54 -14.74 -21.49
C GLY B 159 -19.08 -14.85 -20.05
N CYS B 160 -17.81 -15.21 -19.85
CA CYS B 160 -17.23 -15.33 -18.50
C CYS B 160 -16.52 -14.02 -18.12
N CYS B 161 -16.86 -13.50 -16.94
CA CYS B 161 -16.20 -12.31 -16.38
C CYS B 161 -15.97 -12.53 -14.88
N ASP B 162 -15.34 -13.66 -14.57
CA ASP B 162 -14.97 -14.00 -13.20
C ASP B 162 -13.68 -13.27 -12.85
N PHE B 163 -13.53 -12.97 -11.56
CA PHE B 163 -12.41 -12.18 -11.05
C PHE B 163 -11.34 -13.13 -10.55
N VAL B 164 -10.45 -13.51 -11.46
CA VAL B 164 -9.39 -14.47 -11.20
C VAL B 164 -8.06 -13.81 -11.54
N THR B 165 -7.09 -13.97 -10.63
CA THR B 165 -5.79 -13.29 -10.75
C THR B 165 -4.65 -14.25 -10.46
N ASN B 166 -3.42 -13.81 -10.77
CA ASN B 166 -2.21 -14.50 -10.33
C ASN B 166 -1.97 -14.25 -8.83
N ARG B 167 -0.88 -14.76 -8.29
CA ARG B 167 -0.57 -14.58 -6.87
C ARG B 167 -0.18 -13.12 -6.58
N ALA B 168 0.89 -12.66 -7.25
CA ALA B 168 1.47 -11.34 -7.02
C ALA B 168 0.45 -10.21 -7.03
N TYR B 169 -0.41 -10.17 -8.05
CA TYR B 169 -1.41 -9.11 -8.18
C TYR B 169 -2.39 -9.12 -7.01
N ALA B 170 -2.95 -10.29 -6.69
CA ALA B 170 -3.95 -10.36 -5.61
C ALA B 170 -3.38 -9.99 -4.24
N ILE B 171 -2.10 -10.30 -4.01
CA ILE B 171 -1.41 -9.87 -2.80
C ILE B 171 -1.14 -8.37 -2.80
N ALA B 172 -0.46 -7.89 -3.83
CA ALA B 172 -0.06 -6.48 -3.93
C ALA B 172 -1.24 -5.52 -4.02
N SER B 173 -2.24 -5.89 -4.82
CA SER B 173 -3.47 -5.10 -4.95
C SER B 173 -4.23 -5.06 -3.62
N SER B 174 -4.35 -6.20 -2.95
CA SER B 174 -5.11 -6.26 -1.68
C SER B 174 -4.43 -5.49 -0.55
N ILE B 175 -3.10 -5.53 -0.52
CA ILE B 175 -2.33 -4.78 0.48
C ILE B 175 -2.44 -3.27 0.29
N ILE B 176 -2.27 -2.82 -0.95
CA ILE B 176 -2.31 -1.39 -1.27
C ILE B 176 -3.72 -0.81 -1.14
N SER B 177 -4.73 -1.56 -1.55
CA SER B 177 -6.12 -1.06 -1.54
C SER B 177 -6.82 -1.21 -0.20
N PHE B 178 -6.48 -2.24 0.58
CA PHE B 178 -7.18 -2.56 1.82
C PHE B 178 -6.32 -2.65 3.09
N TYR B 179 -5.32 -3.53 3.09
CA TYR B 179 -4.61 -3.87 4.35
C TYR B 179 -3.76 -2.73 4.92
N ILE B 180 -3.02 -2.00 4.08
CA ILE B 180 -2.28 -0.83 4.56
C ILE B 180 -3.23 0.28 5.07
N PRO B 181 -4.28 0.62 4.28
CA PRO B 181 -5.32 1.49 4.81
C PRO B 181 -5.97 1.04 6.11
N LEU B 182 -6.23 -0.26 6.26
CA LEU B 182 -6.78 -0.79 7.51
C LEU B 182 -5.84 -0.57 8.68
N LEU B 183 -4.56 -0.89 8.52
CA LEU B 183 -3.59 -0.73 9.61
C LEU B 183 -3.42 0.74 10.03
N ILE B 184 -3.29 1.62 9.04
CA ILE B 184 -3.18 3.05 9.31
C ILE B 184 -4.41 3.53 10.11
N MET B 185 -5.60 3.19 9.64
CA MET B 185 -6.83 3.52 10.35
C MET B 185 -6.88 2.99 11.78
N ILE B 186 -6.40 1.76 12.00
CA ILE B 186 -6.33 1.19 13.35
C ILE B 186 -5.36 2.00 14.20
N PHE B 187 -4.13 2.16 13.71
CA PHE B 187 -3.08 2.93 14.39
C PHE B 187 -3.54 4.33 14.77
N VAL B 188 -4.07 5.03 13.78
CA VAL B 188 -4.50 6.43 13.91
C VAL B 188 -5.63 6.59 14.92
N TYR B 189 -6.67 5.79 14.80
CA TYR B 189 -7.81 5.87 15.72
C TYR B 189 -7.50 5.33 17.11
N LEU B 190 -6.52 4.44 17.21
CA LEU B 190 -6.08 3.99 18.54
C LEU B 190 -5.36 5.14 19.29
N ARG B 191 -4.56 5.93 18.58
CA ARG B 191 -3.95 7.13 19.14
C ARG B 191 -4.97 8.21 19.55
N VAL B 192 -6.14 8.27 18.90
CA VAL B 192 -7.23 9.13 19.39
C VAL B 192 -7.77 8.63 20.73
N TYR B 193 -7.94 7.33 20.85
CA TYR B 193 -8.36 6.71 22.10
C TYR B 193 -7.31 6.89 23.21
N ARG B 194 -6.04 6.68 22.88
CA ARG B 194 -4.95 6.88 23.84
C ARG B 194 -4.83 8.32 24.33
N GLU B 195 -4.85 9.27 23.41
CA GLU B 195 -4.77 10.69 23.73
C GLU B 195 -5.93 11.11 24.65
N ALA B 196 -7.13 10.59 24.39
CA ALA B 196 -8.28 10.81 25.26
C ALA B 196 -8.10 10.16 26.63
N LYS B 197 -7.64 8.92 26.66
CA LYS B 197 -7.42 8.20 27.91
C LYS B 197 -6.34 8.85 28.78
N GLU B 198 -5.26 9.33 28.15
CA GLU B 198 -4.19 10.04 28.85
C GLU B 198 -4.67 11.38 29.40
N GLN B 199 -5.42 12.13 28.60
CA GLN B 199 -6.02 13.37 29.04
C GLN B 199 -6.89 13.23 30.26
N ILE B 200 -7.69 12.18 30.36
CA ILE B 200 -8.48 11.92 31.59
C ILE B 200 -7.58 11.61 32.78
N ARG B 201 -6.49 10.91 32.54
CA ARG B 201 -5.53 10.60 33.62
C ARG B 201 -4.89 11.86 34.22
N LYS B 202 -4.59 12.86 33.40
CA LYS B 202 -4.05 14.15 33.86
C LYS B 202 -5.05 14.95 34.70
N ILE B 203 -6.30 14.95 34.26
CA ILE B 203 -7.43 15.58 34.98
C ILE B 203 -7.65 14.94 36.35
N ASP B 204 -7.52 13.61 36.42
CA ASP B 204 -7.54 12.88 37.72
C ASP B 204 -6.35 13.22 38.61
N ARG B 205 -5.17 13.36 38.01
CA ARG B 205 -3.96 13.72 38.73
C ARG B 205 -4.02 15.14 39.29
N ALA B 206 -4.51 16.07 38.46
CA ALA B 206 -4.68 17.48 38.85
C ALA B 206 -5.53 17.70 40.09
N SER B 207 -6.53 16.85 40.30
CA SER B 207 -7.48 17.03 41.40
C SER B 207 -6.95 16.85 42.83
N LYS B 208 -5.72 16.36 42.99
CA LYS B 208 -5.11 16.10 44.31
C LYS B 208 -5.99 15.12 45.09
N ARG B 209 -6.32 14.02 44.43
CA ARG B 209 -7.07 12.91 45.01
C ARG B 209 -8.48 13.30 45.47
N LYS B 210 -9.11 14.25 44.79
CA LYS B 210 -10.45 14.71 45.15
C LYS B 210 -11.52 14.02 44.31
N THR B 211 -11.29 13.90 43.00
CA THR B 211 -12.23 13.22 42.11
C THR B 211 -11.55 12.19 41.22
N SER B 212 -12.35 11.21 40.79
CA SER B 212 -11.97 10.28 39.73
C SER B 212 -12.99 10.47 38.61
N ARG B 213 -12.52 10.92 37.46
CA ARG B 213 -13.34 11.04 36.25
C ARG B 213 -13.91 9.70 35.80
N VAL B 214 -15.12 9.73 35.25
CA VAL B 214 -15.78 8.55 34.67
C VAL B 214 -16.21 8.92 33.25
N MET B 215 -16.51 7.90 32.43
CA MET B 215 -17.00 8.15 31.09
C MET B 215 -18.37 8.82 31.10
N ALA B 216 -18.37 10.10 30.70
CA ALA B 216 -19.60 10.88 30.57
C ALA B 216 -20.35 10.53 29.27
N MET B 217 -21.43 11.27 28.99
CA MET B 217 -22.20 11.09 27.75
C MET B 217 -21.34 11.30 26.49
N LYS B 218 -20.46 12.29 26.53
CA LYS B 218 -19.58 12.60 25.39
C LYS B 218 -18.56 11.50 25.08
N GLU B 219 -18.01 10.86 26.10
CA GLU B 219 -16.99 9.81 25.91
C GLU B 219 -17.58 8.49 25.39
N HIS B 220 -18.78 8.12 25.84
CA HIS B 220 -19.48 6.94 25.33
C HIS B 220 -19.89 7.11 23.87
N LYS B 221 -20.35 8.31 23.50
CA LYS B 221 -20.69 8.63 22.12
C LYS B 221 -19.47 8.62 21.20
N ALA B 222 -18.35 9.13 21.69
CA ALA B 222 -17.08 9.16 20.93
C ALA B 222 -16.56 7.74 20.68
N LEU B 223 -16.71 6.88 21.67
CA LEU B 223 -16.27 5.49 21.57
C LEU B 223 -17.22 4.66 20.70
N LYS B 224 -18.52 4.93 20.77
CA LYS B 224 -19.52 4.31 19.89
C LYS B 224 -19.29 4.73 18.43
N THR B 225 -19.06 6.03 18.20
CA THR B 225 -18.72 6.57 16.88
C THR B 225 -17.45 5.94 16.30
N LEU B 226 -16.45 5.77 17.16
CA LEU B 226 -15.18 5.15 16.76
C LEU B 226 -15.36 3.67 16.40
N GLY B 227 -16.31 3.03 17.07
CA GLY B 227 -16.70 1.66 16.79
C GLY B 227 -17.39 1.52 15.46
N ILE B 228 -18.37 2.38 15.18
CA ILE B 228 -19.08 2.35 13.89
C ILE B 228 -18.10 2.49 12.72
N ILE B 229 -17.16 3.44 12.83
CA ILE B 229 -16.19 3.75 11.79
C ILE B 229 -15.37 2.49 11.41
N MET B 230 -14.71 1.91 12.39
CA MET B 230 -13.87 0.73 12.19
C MET B 230 -14.70 -0.54 11.98
N GLY B 231 -15.84 -0.63 12.66
CA GLY B 231 -16.68 -1.81 12.60
C GLY B 231 -17.32 -2.04 11.24
N VAL B 232 -17.99 -1.01 10.72
CA VAL B 232 -18.68 -1.09 9.44
C VAL B 232 -17.67 -1.28 8.30
N PHE B 233 -16.60 -0.50 8.31
CA PHE B 233 -15.53 -0.63 7.31
C PHE B 233 -14.95 -2.04 7.27
N THR B 234 -14.69 -2.61 8.46
CA THR B 234 -14.07 -3.92 8.57
C THR B 234 -15.05 -5.04 8.22
N LEU B 235 -16.25 -4.99 8.79
CA LEU B 235 -17.31 -5.93 8.45
C LEU B 235 -17.58 -6.00 6.92
N CYS B 236 -17.68 -4.84 6.28
CA CYS B 236 -18.04 -4.78 4.85
C CYS B 236 -16.95 -5.29 3.89
N TRP B 237 -15.68 -4.97 4.19
CA TRP B 237 -14.57 -5.33 3.28
C TRP B 237 -13.62 -6.42 3.75
N LEU B 238 -13.44 -6.64 5.07
CA LEU B 238 -12.47 -7.65 5.53
C LEU B 238 -12.75 -9.06 5.01
N PRO B 239 -14.02 -9.52 5.06
CA PRO B 239 -14.30 -10.87 4.57
C PRO B 239 -13.87 -11.08 3.11
N PHE B 240 -14.24 -10.14 2.24
CA PHE B 240 -13.86 -10.20 0.82
C PHE B 240 -12.35 -10.25 0.63
N PHE B 241 -11.65 -9.31 1.25
CA PHE B 241 -10.20 -9.19 1.07
C PHE B 241 -9.39 -10.30 1.75
N LEU B 242 -9.99 -10.94 2.76
CA LEU B 242 -9.39 -12.10 3.41
C LEU B 242 -9.47 -13.27 2.42
N VAL B 243 -10.67 -13.47 1.89
CA VAL B 243 -10.93 -14.55 0.94
C VAL B 243 -10.19 -14.33 -0.40
N ASN B 244 -9.98 -13.08 -0.79
CA ASN B 244 -9.25 -12.76 -2.02
C ASN B 244 -7.80 -13.27 -1.99
N ILE B 245 -7.19 -13.27 -0.80
CA ILE B 245 -5.84 -13.83 -0.61
C ILE B 245 -5.89 -15.36 -0.47
N VAL B 246 -6.93 -15.87 0.18
CA VAL B 246 -7.13 -17.33 0.33
C VAL B 246 -7.20 -18.01 -1.06
N ASN B 247 -7.95 -17.42 -1.98
CA ASN B 247 -8.09 -17.93 -3.36
C ASN B 247 -6.77 -18.09 -4.12
N VAL B 248 -5.82 -17.20 -3.86
CA VAL B 248 -4.47 -17.26 -4.46
C VAL B 248 -3.71 -18.54 -4.09
N PHE B 249 -3.97 -19.09 -2.92
CA PHE B 249 -3.33 -20.32 -2.48
C PHE B 249 -4.26 -21.54 -2.75
N ASN B 250 -5.08 -21.93 -1.78
CA ASN B 250 -5.93 -23.12 -1.94
C ASN B 250 -7.34 -22.71 -2.40
N ARG B 251 -7.52 -22.58 -3.72
CA ARG B 251 -8.74 -21.98 -4.31
C ARG B 251 -10.05 -22.75 -4.06
N ASP B 252 -9.98 -24.05 -3.83
CA ASP B 252 -11.19 -24.85 -3.61
C ASP B 252 -11.82 -24.68 -2.19
N LEU B 253 -11.08 -24.07 -1.27
CA LEU B 253 -11.46 -24.01 0.16
C LEU B 253 -12.77 -23.23 0.45
N VAL B 254 -12.92 -22.05 -0.16
CA VAL B 254 -14.12 -21.22 0.00
C VAL B 254 -14.97 -21.27 -1.28
N PRO B 255 -16.29 -21.50 -1.16
CA PRO B 255 -17.13 -21.57 -2.37
C PRO B 255 -17.28 -20.24 -3.10
N ASP B 256 -17.58 -20.33 -4.40
CA ASP B 256 -17.74 -19.14 -5.25
C ASP B 256 -18.91 -18.25 -4.83
N TRP B 257 -20.04 -18.85 -4.47
CA TRP B 257 -21.24 -18.09 -4.07
C TRP B 257 -20.99 -17.16 -2.86
N LEU B 258 -20.14 -17.61 -1.93
CA LEU B 258 -19.80 -16.84 -0.71
C LEU B 258 -18.89 -15.66 -1.05
N PHE B 259 -17.86 -15.92 -1.84
CA PHE B 259 -16.93 -14.88 -2.30
C PHE B 259 -17.65 -13.77 -3.07
N VAL B 260 -18.65 -14.14 -3.87
CA VAL B 260 -19.53 -13.18 -4.53
C VAL B 260 -20.33 -12.41 -3.48
N ALA B 261 -20.95 -13.12 -2.53
CA ALA B 261 -21.74 -12.48 -1.47
C ALA B 261 -20.92 -11.48 -0.65
N PHE B 262 -19.67 -11.86 -0.31
CA PHE B 262 -18.75 -10.95 0.37
C PHE B 262 -18.42 -9.70 -0.45
N ASN B 263 -18.36 -9.82 -1.78
CA ASN B 263 -18.18 -8.66 -2.65
C ASN B 263 -19.37 -7.71 -2.60
N TRP B 264 -20.59 -8.25 -2.46
CA TRP B 264 -21.79 -7.40 -2.29
C TRP B 264 -21.83 -6.65 -0.97
N LEU B 265 -21.22 -7.24 0.06
CA LEU B 265 -21.11 -6.63 1.36
C LEU B 265 -20.22 -5.37 1.29
N GLY B 266 -19.10 -5.49 0.55
CA GLY B 266 -18.22 -4.36 0.26
C GLY B 266 -18.86 -3.24 -0.55
N TYR B 267 -19.70 -3.61 -1.51
CA TYR B 267 -20.47 -2.60 -2.25
C TYR B 267 -21.42 -1.85 -1.32
N ALA B 268 -21.95 -2.54 -0.32
CA ALA B 268 -22.86 -1.93 0.67
C ALA B 268 -22.18 -0.85 1.53
N ASN B 269 -20.87 -0.98 1.72
CA ASN B 269 -20.06 0.06 2.37
C ASN B 269 -20.26 1.44 1.73
N SER B 270 -20.29 1.49 0.40
CA SER B 270 -20.50 2.74 -0.33
C SER B 270 -21.86 3.42 -0.03
N ALA B 271 -22.84 2.64 0.42
CA ALA B 271 -24.12 3.18 0.93
C ALA B 271 -23.99 3.68 2.37
N MET B 272 -23.13 3.02 3.16
CA MET B 272 -22.93 3.37 4.57
C MET B 272 -22.15 4.68 4.80
N ASN B 273 -21.15 4.96 3.96
CA ASN B 273 -20.26 6.12 4.17
C ASN B 273 -20.98 7.48 4.25
N PRO B 274 -21.98 7.73 3.38
CA PRO B 274 -22.77 8.96 3.56
C PRO B 274 -23.38 9.09 4.96
N ILE B 275 -23.86 7.97 5.51
CA ILE B 275 -24.52 7.94 6.82
C ILE B 275 -23.53 8.09 7.96
N ILE B 276 -22.34 7.51 7.83
CA ILE B 276 -21.32 7.57 8.88
C ILE B 276 -20.63 8.94 8.96
N TYR B 277 -20.25 9.50 7.82
CA TYR B 277 -19.36 10.66 7.76
C TYR B 277 -20.03 12.02 7.48
N CYS B 278 -21.35 12.09 7.40
CA CYS B 278 -22.04 13.36 7.10
C CYS B 278 -23.17 13.66 8.07
N ARG B 279 -22.91 13.43 9.36
CA ARG B 279 -23.90 13.65 10.42
C ARG B 279 -23.85 15.05 11.04
N SER B 280 -22.94 15.91 10.58
CA SER B 280 -22.76 17.21 11.21
C SER B 280 -24.03 18.06 11.17
N PRO B 281 -24.20 18.99 12.12
CA PRO B 281 -25.33 19.92 12.09
C PRO B 281 -25.48 20.61 10.73
N ASP B 282 -24.36 21.08 10.17
CA ASP B 282 -24.40 21.77 8.88
C ASP B 282 -24.86 20.87 7.73
N PHE B 283 -24.46 19.59 7.75
CA PHE B 283 -24.94 18.60 6.78
C PHE B 283 -26.44 18.37 6.93
N ARG B 284 -26.92 18.24 8.17
CA ARG B 284 -28.36 18.03 8.42
C ARG B 284 -29.22 19.20 7.92
N LYS B 285 -28.75 20.43 8.15
CA LYS B 285 -29.40 21.63 7.62
C LYS B 285 -29.44 21.63 6.10
N ALA B 286 -28.33 21.23 5.49
CA ALA B 286 -28.22 21.19 4.04
C ALA B 286 -29.16 20.15 3.45
N PHE B 287 -29.20 18.95 4.04
CA PHE B 287 -30.08 17.88 3.54
C PHE B 287 -31.57 18.29 3.58
N LYS B 288 -32.00 18.94 4.67
CA LYS B 288 -33.38 19.44 4.78
C LYS B 288 -33.69 20.49 3.73
N ARG B 289 -32.76 21.42 3.52
CA ARG B 289 -32.90 22.45 2.49
C ARG B 289 -32.94 21.85 1.07
N LEU B 290 -32.12 20.83 0.82
CA LEU B 290 -32.08 20.18 -0.50
C LEU B 290 -33.32 19.33 -0.81
N LEU B 291 -34.01 18.86 0.23
CA LEU B 291 -35.26 18.11 0.05
C LEU B 291 -36.51 18.99 0.32
N ALA B 292 -36.41 20.28 -0.04
CA ALA B 292 -37.49 21.26 -0.07
C ALA B 292 -37.99 21.71 1.32
N ASP C 2 2.16 31.49 9.93
CA ASP C 2 3.07 30.90 10.96
C ASP C 2 4.56 30.94 10.55
N LYS C 3 4.83 30.71 9.26
CA LYS C 3 6.18 30.79 8.69
C LYS C 3 6.67 32.25 8.44
N ILE C 4 5.77 33.23 8.61
CA ILE C 4 6.03 34.64 8.30
C ILE C 4 6.65 35.37 9.49
N ILE C 5 7.73 36.11 9.23
CA ILE C 5 8.33 37.01 10.21
C ILE C 5 7.57 38.34 10.16
N HIS C 6 7.31 38.91 11.34
CA HIS C 6 6.59 40.17 11.46
C HIS C 6 7.56 41.27 11.90
N LEU C 7 7.97 42.10 10.93
CA LEU C 7 9.11 43.01 11.06
C LEU C 7 8.79 44.28 11.83
N THR C 8 9.83 44.83 12.48
CA THR C 8 9.81 46.17 13.06
C THR C 8 10.86 47.00 12.30
N ASP C 9 10.94 48.28 12.61
CA ASP C 9 12.03 49.15 12.15
C ASP C 9 13.40 48.66 12.64
N ASP C 10 13.48 48.36 13.94
CA ASP C 10 14.74 47.98 14.60
C ASP C 10 15.22 46.58 14.22
N SER C 11 14.30 45.63 14.15
CA SER C 11 14.65 44.25 13.77
C SER C 11 14.94 44.05 12.28
N PHE C 12 14.66 45.05 11.43
CA PHE C 12 14.85 44.95 9.97
C PHE C 12 16.28 44.59 9.55
N ASP C 13 17.27 45.17 10.23
CA ASP C 13 18.68 44.88 9.96
C ASP C 13 19.01 43.40 10.21
N THR C 14 18.54 42.87 11.34
CA THR C 14 18.81 41.48 11.73
C THR C 14 17.96 40.46 10.98
N ASP C 15 16.68 40.80 10.74
CA ASP C 15 15.72 39.88 10.11
C ASP C 15 15.82 39.78 8.58
N VAL C 16 16.37 40.81 7.93
CA VAL C 16 16.40 40.89 6.45
C VAL C 16 17.80 41.08 5.85
N LEU C 17 18.56 42.04 6.37
CA LEU C 17 19.88 42.39 5.80
C LEU C 17 20.95 41.37 6.18
N LYS C 18 20.97 40.97 7.44
CA LYS C 18 21.89 39.93 7.94
C LYS C 18 21.38 38.50 7.73
N ALA C 19 20.11 38.33 7.35
CA ALA C 19 19.48 37.01 7.26
C ALA C 19 19.96 36.18 6.06
N ASP C 20 20.10 34.88 6.28
CA ASP C 20 20.51 33.95 5.22
C ASP C 20 19.39 33.72 4.20
N GLY C 21 19.79 33.48 2.96
CA GLY C 21 18.84 33.14 1.90
C GLY C 21 18.03 34.33 1.43
N ALA C 22 16.97 34.03 0.66
CA ALA C 22 16.10 35.05 0.08
C ALA C 22 14.98 35.42 1.06
N ILE C 23 14.78 36.73 1.26
CA ILE C 23 13.68 37.26 2.09
C ILE C 23 12.74 38.07 1.19
N LEU C 24 11.44 37.75 1.20
CA LEU C 24 10.43 38.51 0.48
C LEU C 24 9.69 39.42 1.47
N VAL C 25 9.96 40.72 1.39
CA VAL C 25 9.36 41.69 2.31
C VAL C 25 8.09 42.28 1.70
N ASP C 26 7.01 42.29 2.47
CA ASP C 26 5.74 42.94 2.09
C ASP C 26 5.54 44.22 2.90
N PHE C 27 5.46 45.35 2.20
CA PHE C 27 5.16 46.64 2.81
C PHE C 27 3.66 46.88 2.72
N TRP C 28 2.99 46.77 3.87
CA TRP C 28 1.53 46.82 3.96
C TRP C 28 1.10 47.86 5.00
N ALA C 29 -0.16 48.28 4.90
CA ALA C 29 -0.78 49.15 5.90
C ALA C 29 -2.20 48.68 6.15
N GLU C 30 -2.70 48.89 7.37
CA GLU C 30 -4.05 48.48 7.74
C GLU C 30 -5.11 49.24 6.95
N TRP C 31 -4.83 50.51 6.62
CA TRP C 31 -5.76 51.35 5.86
C TRP C 31 -5.92 50.95 4.38
N SER C 32 -4.87 50.42 3.76
CA SER C 32 -4.91 50.08 2.32
C SER C 32 -5.64 48.77 2.05
N GLY C 33 -6.70 48.86 1.23
CA GLY C 33 -7.45 47.69 0.78
C GLY C 33 -6.66 46.77 -0.14
N PRO C 34 -5.91 47.34 -1.11
CA PRO C 34 -4.98 46.57 -1.93
C PRO C 34 -3.90 45.80 -1.17
N SER C 35 -3.43 46.37 -0.05
CA SER C 35 -2.43 45.72 0.82
C SER C 35 -2.95 44.46 1.52
N LYS C 36 -4.27 44.43 1.75
CA LYS C 36 -4.94 43.29 2.38
C LYS C 36 -5.27 42.15 1.41
N MET C 37 -5.57 42.47 0.14
CA MET C 37 -5.91 41.47 -0.89
C MET C 37 -4.85 40.38 -1.08
N ILE C 38 -3.58 40.73 -0.88
CA ILE C 38 -2.45 39.78 -0.98
C ILE C 38 -2.06 39.06 0.32
N ALA C 39 -2.54 39.53 1.46
CA ALA C 39 -2.25 38.90 2.76
C ALA C 39 -2.50 37.37 2.83
N PRO C 40 -3.70 36.89 2.44
CA PRO C 40 -3.93 35.42 2.43
C PRO C 40 -3.16 34.68 1.33
N ILE C 41 -2.79 35.39 0.27
CA ILE C 41 -1.97 34.81 -0.81
C ILE C 41 -0.53 34.62 -0.34
N LEU C 42 0.03 35.62 0.35
CA LEU C 42 1.39 35.52 0.91
C LEU C 42 1.54 34.38 1.93
N ASP C 43 0.48 34.12 2.70
CA ASP C 43 0.47 33.00 3.65
C ASP C 43 0.68 31.65 2.97
N GLU C 44 0.01 31.45 1.84
CA GLU C 44 0.16 30.23 1.04
C GLU C 44 1.54 30.14 0.38
N ILE C 45 2.11 31.29 -0.01
CA ILE C 45 3.47 31.36 -0.57
C ILE C 45 4.55 30.98 0.45
N ALA C 46 4.35 31.37 1.71
CA ALA C 46 5.28 31.01 2.79
C ALA C 46 5.46 29.49 2.95
N ASP C 47 4.35 28.75 2.86
CA ASP C 47 4.36 27.28 2.94
C ASP C 47 4.82 26.62 1.63
N GLU C 48 4.29 27.10 0.51
CA GLU C 48 4.63 26.52 -0.81
C GLU C 48 6.07 26.77 -1.25
N TYR C 49 6.69 27.85 -0.78
CA TYR C 49 8.10 28.13 -1.05
C TYR C 49 8.98 28.02 0.21
N GLN C 50 8.71 27.02 1.05
CA GLN C 50 9.60 26.69 2.18
C GLN C 50 10.94 26.23 1.63
N GLY C 51 12.04 26.67 2.26
CA GLY C 51 13.39 26.32 1.82
C GLY C 51 13.96 27.26 0.77
N LYS C 52 13.15 27.62 -0.23
CA LYS C 52 13.55 28.56 -1.30
C LYS C 52 13.51 30.03 -0.87
N LEU C 53 12.52 30.42 -0.06
CA LEU C 53 12.36 31.82 0.40
C LEU C 53 11.73 31.95 1.78
N THR C 54 11.86 33.13 2.38
CA THR C 54 11.28 33.48 3.68
C THR C 54 10.41 34.73 3.53
N VAL C 55 9.11 34.60 3.77
CA VAL C 55 8.19 35.75 3.68
C VAL C 55 8.31 36.61 4.94
N ALA C 56 8.30 37.93 4.77
CA ALA C 56 8.34 38.89 5.88
C ALA C 56 7.37 40.05 5.63
N LYS C 57 6.85 40.64 6.72
CA LYS C 57 5.83 41.71 6.64
C LYS C 57 6.17 42.87 7.57
N LEU C 58 6.01 44.09 7.06
CA LEU C 58 6.30 45.32 7.81
C LEU C 58 5.15 46.32 7.64
N ASN C 59 4.48 46.66 8.73
CA ASN C 59 3.38 47.63 8.72
C ASN C 59 3.94 49.06 8.63
N ILE C 60 3.52 49.82 7.63
CA ILE C 60 4.03 51.19 7.38
C ILE C 60 3.51 52.22 8.41
N ASP C 61 2.30 51.98 8.95
CA ASP C 61 1.75 52.80 10.04
C ASP C 61 2.59 52.63 11.30
N GLN C 62 2.86 51.36 11.66
CA GLN C 62 3.65 51.03 12.85
C GLN C 62 5.10 51.49 12.71
N ASN C 63 5.67 51.26 11.53
CA ASN C 63 7.11 51.45 11.30
C ASN C 63 7.33 52.30 10.04
N PRO C 64 7.21 53.64 10.18
CA PRO C 64 7.36 54.54 9.04
C PRO C 64 8.82 54.84 8.64
N GLY C 65 9.79 54.38 9.42
CA GLY C 65 11.21 54.63 9.14
C GLY C 65 11.82 53.87 7.96
N THR C 66 11.40 52.61 7.78
CA THR C 66 12.01 51.72 6.77
C THR C 66 11.61 52.00 5.32
N ALA C 67 10.34 52.36 5.10
CA ALA C 67 9.80 52.56 3.73
C ALA C 67 10.46 53.71 2.90
N PRO C 68 10.75 54.87 3.53
CA PRO C 68 11.50 55.94 2.86
C PRO C 68 12.89 55.54 2.34
N LYS C 69 13.61 54.69 3.09
CA LYS C 69 14.97 54.28 2.73
C LYS C 69 15.07 53.50 1.41
N TYR C 70 14.01 52.76 1.06
CA TYR C 70 13.97 52.00 -0.20
C TYR C 70 13.06 52.61 -1.28
N GLY C 71 12.46 53.77 -0.98
CA GLY C 71 11.74 54.55 -1.98
C GLY C 71 10.41 53.96 -2.40
N ILE C 72 9.61 53.59 -1.40
CA ILE C 72 8.30 52.97 -1.63
C ILE C 72 7.27 54.04 -1.98
N ARG C 73 6.71 53.95 -3.18
CA ARG C 73 5.75 54.93 -3.69
C ARG C 73 4.31 54.47 -3.39
N GLY C 74 3.92 53.35 -3.99
CA GLY C 74 2.61 52.73 -3.74
C GLY C 74 2.70 51.59 -2.74
N ILE C 75 1.54 51.06 -2.34
CA ILE C 75 1.46 49.82 -1.58
C ILE C 75 0.28 48.96 -2.10
N PRO C 76 0.42 47.62 -2.09
CA PRO C 76 1.53 46.83 -1.57
C PRO C 76 2.73 46.78 -2.52
N THR C 77 3.94 46.82 -1.95
CA THR C 77 5.18 46.69 -2.70
C THR C 77 5.96 45.50 -2.13
N LEU C 78 6.27 44.54 -2.99
CA LEU C 78 7.04 43.35 -2.63
C LEU C 78 8.50 43.49 -3.09
N LEU C 79 9.41 43.64 -2.12
CA LEU C 79 10.85 43.68 -2.39
C LEU C 79 11.48 42.34 -2.03
N LEU C 80 12.04 41.65 -3.03
CA LEU C 80 12.80 40.42 -2.79
C LEU C 80 14.25 40.79 -2.45
N PHE C 81 14.72 40.31 -1.30
CA PHE C 81 16.06 40.60 -0.77
C PHE C 81 16.97 39.37 -0.89
N LYS C 82 18.23 39.60 -1.26
CA LYS C 82 19.27 38.56 -1.28
C LYS C 82 20.59 39.12 -0.74
N ASN C 83 20.95 38.71 0.48
CA ASN C 83 22.18 39.13 1.15
C ASN C 83 22.32 40.66 1.26
N GLY C 84 21.26 41.29 1.79
CA GLY C 84 21.25 42.73 2.04
C GLY C 84 21.11 43.62 0.81
N GLU C 85 20.71 43.05 -0.33
CA GLU C 85 20.49 43.81 -1.57
C GLU C 85 19.13 43.42 -2.15
N VAL C 86 18.46 44.38 -2.78
CA VAL C 86 17.17 44.14 -3.43
C VAL C 86 17.42 43.58 -4.83
N ALA C 87 17.01 42.33 -5.05
CA ALA C 87 17.21 41.65 -6.34
C ALA C 87 16.15 42.04 -7.37
N ALA C 88 14.88 42.09 -6.94
CA ALA C 88 13.77 42.54 -7.82
C ALA C 88 12.61 43.13 -7.02
N THR C 89 11.69 43.79 -7.74
CA THR C 89 10.58 44.53 -7.15
C THR C 89 9.28 44.29 -7.94
N LYS C 90 8.16 44.18 -7.20
CA LYS C 90 6.82 44.15 -7.78
C LYS C 90 5.89 45.04 -6.97
N VAL C 91 5.03 45.79 -7.65
CA VAL C 91 4.15 46.77 -7.03
C VAL C 91 2.68 46.51 -7.42
N GLY C 92 1.78 46.73 -6.45
CA GLY C 92 0.35 46.52 -6.65
C GLY C 92 -0.09 45.10 -6.32
N ALA C 93 -1.41 44.89 -6.30
CA ALA C 93 -2.01 43.61 -5.91
C ALA C 93 -2.00 42.60 -7.05
N LEU C 94 -1.99 41.32 -6.67
CA LEU C 94 -1.87 40.20 -7.60
C LEU C 94 -2.78 39.03 -7.18
N SER C 95 -3.00 38.12 -8.12
CA SER C 95 -3.57 36.79 -7.82
C SER C 95 -2.43 35.82 -7.49
N LYS C 96 -2.78 34.59 -7.11
CA LYS C 96 -1.78 33.57 -6.75
C LYS C 96 -0.87 33.21 -7.94
N GLY C 97 -1.45 33.10 -9.13
CA GLY C 97 -0.70 32.76 -10.35
C GLY C 97 0.25 33.84 -10.85
N GLN C 98 -0.15 35.10 -10.72
CA GLN C 98 0.69 36.25 -11.12
C GLN C 98 1.92 36.38 -10.21
N LEU C 99 1.71 36.22 -8.91
CA LEU C 99 2.81 36.22 -7.93
C LEU C 99 3.77 35.04 -8.11
N LYS C 100 3.23 33.86 -8.46
CA LYS C 100 4.08 32.68 -8.69
C LYS C 100 5.03 32.86 -9.88
N GLU C 101 4.54 33.43 -10.98
CA GLU C 101 5.39 33.69 -12.15
C GLU C 101 6.51 34.69 -11.85
N PHE C 102 6.21 35.71 -11.04
CA PHE C 102 7.21 36.67 -10.57
C PHE C 102 8.31 35.98 -9.75
N LEU C 103 7.90 35.10 -8.83
CA LEU C 103 8.83 34.36 -7.96
C LEU C 103 9.59 33.27 -8.71
N ASP C 104 8.87 32.48 -9.51
CA ASP C 104 9.46 31.38 -10.30
C ASP C 104 10.55 31.87 -11.27
N ALA C 105 10.29 32.99 -11.95
CA ALA C 105 11.27 33.61 -12.85
C ALA C 105 12.47 34.20 -12.11
N ASN C 106 12.20 34.91 -11.01
CA ASN C 106 13.26 35.57 -10.24
C ASN C 106 14.10 34.63 -9.36
N LEU C 107 13.53 33.54 -8.87
CA LEU C 107 14.25 32.63 -7.95
C LEU C 107 15.20 31.65 -8.65
N ALA C 108 14.68 30.89 -9.62
CA ALA C 108 15.36 29.71 -10.24
C ALA C 108 16.49 29.01 -9.45
N ALA D 2 21.24 25.32 -10.58
CA ALA D 2 21.84 24.07 -10.02
C ALA D 2 20.84 23.30 -9.17
N ALA D 3 20.28 23.96 -8.16
CA ALA D 3 19.25 23.37 -7.29
C ALA D 3 17.92 23.06 -8.03
N LYS D 4 17.70 23.72 -9.17
CA LYS D 4 16.61 23.35 -10.08
C LYS D 4 16.87 22.00 -10.75
N VAL D 5 18.11 21.78 -11.17
CA VAL D 5 18.53 20.52 -11.81
C VAL D 5 18.66 19.38 -10.78
N MET D 6 19.06 19.72 -9.55
CA MET D 6 19.20 18.74 -8.47
C MET D 6 17.85 18.10 -8.10
N SER D 7 16.77 18.88 -8.08
CA SER D 7 15.43 18.36 -7.79
C SER D 7 14.84 17.54 -8.95
N LEU D 8 15.13 17.95 -10.18
CA LEU D 8 14.70 17.20 -11.38
C LEU D 8 15.41 15.85 -11.49
N LEU D 9 16.65 15.77 -11.02
CA LEU D 9 17.40 14.52 -10.95
C LEU D 9 16.74 13.54 -9.98
N MET D 10 16.46 14.00 -8.77
CA MET D 10 15.76 13.20 -7.75
C MET D 10 14.43 12.61 -8.25
N ALA D 11 13.72 13.34 -9.11
CA ALA D 11 12.42 12.90 -9.64
C ALA D 11 12.54 11.60 -10.43
N LEU D 12 13.49 11.56 -11.37
CA LEU D 12 13.70 10.36 -12.18
C LEU D 12 14.28 9.17 -11.37
N VAL D 13 15.07 9.46 -10.33
CA VAL D 13 15.57 8.42 -9.41
C VAL D 13 14.39 7.64 -8.82
N VAL D 14 13.37 8.36 -8.38
CA VAL D 14 12.14 7.72 -7.89
C VAL D 14 11.43 6.96 -9.02
N LEU D 15 11.38 7.55 -10.21
CA LEU D 15 10.70 6.96 -11.35
C LEU D 15 11.41 5.68 -11.82
N LEU D 16 12.72 5.75 -11.99
CA LEU D 16 13.53 4.58 -12.41
C LEU D 16 13.41 3.41 -11.44
N ILE D 17 13.44 3.70 -10.15
CA ILE D 17 13.31 2.67 -9.13
C ILE D 17 11.94 2.03 -9.19
N VAL D 18 10.89 2.84 -9.13
CA VAL D 18 9.52 2.29 -9.06
C VAL D 18 9.18 1.59 -10.37
N ALA D 19 9.40 2.26 -11.50
CA ALA D 19 9.16 1.65 -12.81
C ALA D 19 9.91 0.31 -12.93
N GLY D 20 11.22 0.35 -12.73
CA GLY D 20 12.06 -0.83 -12.86
C GLY D 20 11.62 -1.98 -11.97
N ASN D 21 11.51 -1.73 -10.68
CA ASN D 21 11.18 -2.79 -9.72
C ASN D 21 9.75 -3.29 -9.85
N VAL D 22 8.82 -2.43 -10.22
CA VAL D 22 7.44 -2.87 -10.50
C VAL D 22 7.42 -3.80 -11.70
N LEU D 23 8.23 -3.49 -12.70
CA LEU D 23 8.28 -4.27 -13.93
C LEU D 23 8.84 -5.68 -13.70
N VAL D 24 9.80 -5.79 -12.80
CA VAL D 24 10.37 -7.08 -12.40
C VAL D 24 9.33 -7.92 -11.68
N ILE D 25 8.71 -7.34 -10.66
CA ILE D 25 7.74 -8.08 -9.84
C ILE D 25 6.54 -8.50 -10.69
N ALA D 26 6.12 -7.63 -11.61
CA ALA D 26 5.09 -7.95 -12.58
C ALA D 26 5.48 -9.15 -13.45
N ALA D 27 6.70 -9.13 -13.95
CA ALA D 27 7.20 -10.17 -14.85
C ALA D 27 7.26 -11.52 -14.17
N ILE D 28 7.67 -11.54 -12.91
CA ILE D 28 7.78 -12.78 -12.15
C ILE D 28 6.40 -13.32 -11.79
N GLY D 29 5.51 -12.46 -11.33
CA GLY D 29 4.15 -12.86 -10.97
C GLY D 29 3.29 -13.30 -12.14
N SER D 30 3.52 -12.70 -13.32
CA SER D 30 2.72 -12.97 -14.51
C SER D 30 3.22 -14.17 -15.34
N THR D 31 4.52 -14.51 -15.23
CA THR D 31 5.13 -15.57 -16.03
C THR D 31 5.49 -16.78 -15.17
N GLN D 32 4.85 -17.92 -15.42
CA GLN D 32 5.13 -19.18 -14.73
C GLN D 32 6.60 -19.61 -14.89
N ARG D 33 7.11 -19.42 -16.10
CA ARG D 33 8.51 -19.74 -16.44
C ARG D 33 9.54 -19.00 -15.57
N LEU D 34 9.27 -17.72 -15.26
CA LEU D 34 10.18 -16.89 -14.46
C LEU D 34 10.16 -17.21 -12.96
N GLN D 35 9.15 -17.94 -12.49
CA GLN D 35 9.05 -18.27 -11.07
C GLN D 35 10.01 -19.39 -10.67
N THR D 36 11.30 -19.16 -10.89
CA THR D 36 12.36 -20.10 -10.53
C THR D 36 12.84 -19.77 -9.13
N LEU D 37 13.81 -20.52 -8.63
CA LEU D 37 14.29 -20.39 -7.25
C LEU D 37 15.12 -19.12 -7.06
N THR D 38 16.05 -18.86 -7.96
CA THR D 38 16.83 -17.62 -7.93
C THR D 38 15.91 -16.40 -7.96
N ASN D 39 14.91 -16.40 -8.83
CA ASN D 39 13.98 -15.28 -8.95
C ASN D 39 13.07 -15.05 -7.74
N LEU D 40 12.97 -16.06 -6.87
CA LEU D 40 12.38 -15.88 -5.55
C LEU D 40 13.19 -14.87 -4.72
N PHE D 41 14.52 -15.03 -4.73
CA PHE D 41 15.43 -14.06 -4.12
C PHE D 41 15.41 -12.71 -4.83
N ILE D 42 15.29 -12.72 -6.16
CA ILE D 42 15.16 -11.47 -6.93
C ILE D 42 13.87 -10.73 -6.54
N THR D 43 12.81 -11.47 -6.23
CA THR D 43 11.55 -10.87 -5.80
C THR D 43 11.73 -10.12 -4.47
N SER D 44 12.45 -10.74 -3.53
CA SER D 44 12.79 -10.12 -2.24
C SER D 44 13.54 -8.81 -2.45
N LEU D 45 14.55 -8.85 -3.32
CA LEU D 45 15.33 -7.68 -3.69
C LEU D 45 14.46 -6.60 -4.29
N ALA D 46 13.62 -6.98 -5.26
CA ALA D 46 12.74 -6.03 -5.94
C ALA D 46 11.74 -5.34 -4.99
N CYS D 47 11.28 -6.07 -3.99
CA CYS D 47 10.39 -5.51 -2.98
C CYS D 47 11.09 -4.43 -2.16
N ALA D 48 12.29 -4.74 -1.70
CA ALA D 48 13.09 -3.82 -0.88
C ALA D 48 13.40 -2.54 -1.62
N ASP D 49 13.84 -2.67 -2.86
CA ASP D 49 14.15 -1.53 -3.71
C ASP D 49 12.88 -0.73 -4.05
N LEU D 50 11.76 -1.43 -4.23
CA LEU D 50 10.46 -0.79 -4.47
C LEU D 50 10.01 0.09 -3.30
N VAL D 51 10.17 -0.40 -2.07
CA VAL D 51 9.81 0.38 -0.88
C VAL D 51 10.76 1.58 -0.73
N VAL D 52 12.02 1.40 -1.15
CA VAL D 52 12.97 2.52 -1.17
C VAL D 52 12.47 3.62 -2.12
N GLY D 53 12.00 3.24 -3.31
CA GLY D 53 11.47 4.20 -4.27
C GLY D 53 10.17 4.88 -3.87
N LEU D 54 9.26 4.15 -3.23
CA LEU D 54 7.94 4.66 -2.90
C LEU D 54 7.92 5.57 -1.69
N LEU D 55 8.57 5.14 -0.60
CA LEU D 55 8.48 5.84 0.69
C LEU D 55 9.77 6.48 1.15
N VAL D 56 10.90 5.81 0.99
CA VAL D 56 12.16 6.29 1.55
C VAL D 56 12.72 7.49 0.78
N VAL D 57 12.89 7.34 -0.52
CA VAL D 57 13.53 8.38 -1.33
C VAL D 57 12.70 9.67 -1.47
N PRO D 58 11.36 9.57 -1.65
CA PRO D 58 10.51 10.77 -1.76
C PRO D 58 10.54 11.71 -0.54
N PHE D 59 10.46 11.12 0.65
CA PHE D 59 10.54 11.87 1.91
C PHE D 59 11.95 12.47 2.06
N GLY D 60 12.96 11.75 1.59
CA GLY D 60 14.32 12.26 1.55
C GLY D 60 14.48 13.43 0.59
N ALA D 61 13.85 13.34 -0.58
CA ALA D 61 13.90 14.41 -1.59
C ALA D 61 13.41 15.74 -1.03
N THR D 62 12.29 15.69 -0.31
CA THR D 62 11.70 16.89 0.29
C THR D 62 12.67 17.52 1.29
N LEU D 63 13.30 16.70 2.13
CA LEU D 63 14.26 17.18 3.12
C LEU D 63 15.44 17.96 2.50
N VAL D 64 15.83 17.61 1.28
CA VAL D 64 16.87 18.35 0.55
C VAL D 64 16.35 19.66 -0.04
N VAL D 65 15.13 19.63 -0.60
CA VAL D 65 14.51 20.81 -1.22
C VAL D 65 14.03 21.82 -0.17
N ARG D 66 13.23 21.35 0.80
CA ARG D 66 12.69 22.20 1.87
C ARG D 66 13.76 22.61 2.91
N GLY D 67 14.88 21.88 2.99
CA GLY D 67 15.94 22.17 3.94
C GLY D 67 15.59 21.86 5.39
N THR D 68 14.52 21.10 5.62
CA THR D 68 14.04 20.79 6.97
C THR D 68 13.00 19.66 6.93
N TRP D 69 12.85 18.97 8.06
CA TRP D 69 11.86 17.89 8.20
C TRP D 69 10.49 18.45 8.58
N LEU D 70 9.49 18.17 7.76
CA LEU D 70 8.17 18.78 7.91
C LEU D 70 7.10 17.87 8.54
N TRP D 71 7.44 16.62 8.85
CA TRP D 71 6.43 15.65 9.32
C TRP D 71 6.63 15.13 10.75
N GLY D 72 7.44 15.84 11.54
CA GLY D 72 7.52 15.59 12.98
C GLY D 72 8.39 14.42 13.39
N SER D 73 8.67 14.36 14.70
CA SER D 73 9.71 13.47 15.23
C SER D 73 9.39 11.98 15.14
N PHE D 74 8.13 11.61 15.29
CA PHE D 74 7.72 10.21 15.15
C PHE D 74 7.99 9.69 13.73
N LEU D 75 7.55 10.45 12.73
CA LEU D 75 7.75 10.06 11.34
C LEU D 75 9.19 10.20 10.86
N CYS D 76 9.98 11.07 11.49
CA CYS D 76 11.42 11.08 11.24
C CYS D 76 12.03 9.73 11.64
N GLU D 77 11.69 9.24 12.83
CA GLU D 77 12.16 7.94 13.30
C GLU D 77 11.68 6.80 12.42
N LEU D 78 10.40 6.79 12.08
CA LEU D 78 9.80 5.70 11.31
C LEU D 78 10.37 5.65 9.88
N TRP D 79 10.48 6.82 9.25
CA TRP D 79 11.13 6.93 7.94
C TRP D 79 12.57 6.46 7.97
N THR D 80 13.32 6.84 9.00
CA THR D 80 14.69 6.37 9.18
C THR D 80 14.76 4.87 9.41
N SER D 81 13.83 4.33 10.20
CA SER D 81 13.78 2.89 10.45
C SER D 81 13.48 2.11 9.17
N LEU D 82 12.49 2.59 8.41
CA LEU D 82 12.13 2.02 7.13
C LEU D 82 13.27 2.09 6.12
N ASP D 83 14.02 3.19 6.12
CA ASP D 83 15.19 3.39 5.25
C ASP D 83 16.24 2.33 5.53
N VAL D 84 16.65 2.25 6.79
CA VAL D 84 17.67 1.30 7.22
C VAL D 84 17.24 -0.13 6.93
N LEU D 85 15.97 -0.45 7.18
CA LEU D 85 15.42 -1.78 6.95
C LEU D 85 15.56 -2.21 5.49
N CYS D 86 15.12 -1.35 4.58
CA CYS D 86 15.10 -1.67 3.16
C CYS D 86 16.48 -1.71 2.52
N VAL D 87 17.40 -0.86 2.99
CA VAL D 87 18.79 -0.92 2.54
C VAL D 87 19.46 -2.18 3.07
N THR D 88 19.20 -2.54 4.32
CA THR D 88 19.70 -3.80 4.89
C THR D 88 19.15 -5.03 4.17
N ALA D 89 17.84 -5.07 3.93
CA ALA D 89 17.21 -6.18 3.20
C ALA D 89 17.66 -6.25 1.75
N SER D 90 17.95 -5.11 1.14
CA SER D 90 18.46 -5.06 -0.24
C SER D 90 19.84 -5.67 -0.32
N ILE D 91 20.76 -5.19 0.51
CA ILE D 91 22.17 -5.58 0.41
C ILE D 91 22.36 -7.02 0.89
N GLU D 92 21.71 -7.39 1.98
CA GLU D 92 21.73 -8.79 2.45
C GLU D 92 21.14 -9.76 1.43
N THR D 93 20.13 -9.34 0.67
CA THR D 93 19.58 -10.17 -0.41
C THR D 93 20.56 -10.31 -1.59
N LEU D 94 21.35 -9.28 -1.89
CA LEU D 94 22.39 -9.40 -2.93
C LEU D 94 23.42 -10.45 -2.57
N CYS D 95 23.76 -10.48 -1.28
CA CYS D 95 24.65 -11.47 -0.72
C CYS D 95 24.10 -12.91 -0.79
N VAL D 96 22.79 -13.07 -0.59
CA VAL D 96 22.13 -14.38 -0.71
C VAL D 96 22.10 -14.88 -2.16
N ILE D 97 21.80 -13.97 -3.09
CA ILE D 97 21.88 -14.23 -4.53
C ILE D 97 23.28 -14.71 -4.94
N ALA D 98 24.33 -14.02 -4.48
CA ALA D 98 25.71 -14.44 -4.76
C ALA D 98 25.94 -15.90 -4.34
N ILE D 99 25.53 -16.24 -3.12
CA ILE D 99 25.69 -17.59 -2.59
C ILE D 99 24.86 -18.57 -3.40
N ASP D 100 23.60 -18.23 -3.69
CA ASP D 100 22.71 -19.06 -4.51
C ASP D 100 23.33 -19.40 -5.87
N ARG D 101 23.79 -18.37 -6.58
CA ARG D 101 24.42 -18.53 -7.90
C ARG D 101 25.71 -19.32 -7.81
N TYR D 102 26.54 -19.02 -6.82
CA TYR D 102 27.78 -19.76 -6.62
C TYR D 102 27.54 -21.27 -6.50
N LEU D 103 26.61 -21.65 -5.64
CA LEU D 103 26.26 -23.06 -5.48
C LEU D 103 25.59 -23.65 -6.73
N ALA D 104 24.70 -22.88 -7.36
CA ALA D 104 24.02 -23.30 -8.60
C ALA D 104 24.97 -23.54 -9.78
N ILE D 105 26.06 -22.77 -9.84
CA ILE D 105 27.06 -22.89 -10.91
C ILE D 105 28.10 -23.96 -10.59
N THR D 106 28.65 -23.95 -9.38
CA THR D 106 29.79 -24.81 -9.05
C THR D 106 29.41 -26.20 -8.51
N SER D 107 28.25 -26.34 -7.90
CA SER D 107 27.79 -27.62 -7.35
C SER D 107 26.30 -27.83 -7.62
N PRO D 108 25.91 -27.76 -8.91
CA PRO D 108 24.51 -27.70 -9.31
C PRO D 108 23.63 -28.81 -8.80
N PHE D 109 24.20 -30.01 -8.62
CA PHE D 109 23.41 -31.18 -8.24
C PHE D 109 23.16 -31.22 -6.73
N ARG D 110 24.22 -30.96 -5.98
CA ARG D 110 24.13 -30.82 -4.52
C ARG D 110 23.15 -29.69 -4.14
N TYR D 111 23.22 -28.59 -4.90
CA TYR D 111 22.33 -27.43 -4.69
C TYR D 111 20.82 -27.70 -4.88
N GLN D 112 20.48 -28.51 -5.89
CA GLN D 112 19.05 -28.75 -6.23
C GLN D 112 18.28 -29.48 -5.14
N SER D 113 18.89 -30.53 -4.61
CA SER D 113 18.27 -31.32 -3.53
C SER D 113 18.27 -30.56 -2.20
N LEU D 114 19.39 -29.88 -1.92
CA LEU D 114 19.55 -29.13 -0.66
C LEU D 114 18.61 -27.90 -0.61
N MET D 115 18.76 -26.98 -1.56
CA MET D 115 17.97 -25.75 -1.56
C MET D 115 16.56 -25.96 -2.12
N THR D 116 15.61 -26.23 -1.24
CA THR D 116 14.19 -26.31 -1.62
C THR D 116 13.58 -24.90 -1.68
N ARG D 117 12.36 -24.82 -2.23
CA ARG D 117 11.62 -23.57 -2.27
C ARG D 117 11.27 -23.10 -0.85
N ALA D 118 10.85 -24.02 0.00
CA ALA D 118 10.48 -23.70 1.37
C ALA D 118 11.67 -23.29 2.23
N ARG D 119 12.86 -23.83 1.94
CA ARG D 119 14.09 -23.39 2.59
C ARG D 119 14.49 -21.99 2.12
N ALA D 120 14.22 -21.67 0.85
CA ALA D 120 14.46 -20.33 0.31
C ALA D 120 13.54 -19.30 0.98
N LYS D 121 12.27 -19.65 1.15
CA LYS D 121 11.28 -18.77 1.80
C LYS D 121 11.69 -18.39 3.23
N VAL D 122 12.29 -19.35 3.95
CA VAL D 122 12.83 -19.11 5.29
C VAL D 122 14.04 -18.18 5.25
N ILE D 123 14.95 -18.39 4.29
CA ILE D 123 16.10 -17.50 4.12
C ILE D 123 15.63 -16.06 3.89
N ILE D 124 14.62 -15.89 3.03
CA ILE D 124 14.08 -14.56 2.74
C ILE D 124 13.50 -13.92 4.00
N CYS D 125 12.70 -14.69 4.75
CA CYS D 125 12.13 -14.22 6.02
C CYS D 125 13.18 -13.84 7.07
N THR D 126 14.27 -14.62 7.13
CA THR D 126 15.40 -14.28 7.98
C THR D 126 16.02 -12.93 7.64
N VAL D 127 16.27 -12.69 6.35
CA VAL D 127 16.86 -11.43 5.88
C VAL D 127 16.01 -10.24 6.33
N TRP D 128 14.69 -10.33 6.18
CA TRP D 128 13.79 -9.25 6.61
C TRP D 128 13.70 -9.11 8.13
N ALA D 129 13.77 -10.22 8.86
CA ALA D 129 13.79 -10.18 10.33
C ALA D 129 15.08 -9.53 10.87
N ILE D 130 16.24 -9.92 10.32
CA ILE D 130 17.51 -9.29 10.69
C ILE D 130 17.48 -7.79 10.35
N SER D 131 16.96 -7.46 9.16
CA SER D 131 16.81 -6.07 8.75
C SER D 131 15.96 -5.25 9.72
N ALA D 132 14.85 -5.84 10.18
CA ALA D 132 13.98 -5.22 11.18
C ALA D 132 14.70 -4.98 12.52
N LEU D 133 15.44 -5.99 12.99
CA LEU D 133 16.15 -5.89 14.27
C LEU D 133 17.39 -4.99 14.25
N VAL D 134 17.98 -4.78 13.07
CA VAL D 134 19.08 -3.83 12.91
C VAL D 134 18.56 -2.38 12.83
N SER D 135 17.30 -2.21 12.41
CA SER D 135 16.72 -0.90 12.09
C SER D 135 15.67 -0.43 13.10
N PHE D 136 14.50 -1.06 13.12
CA PHE D 136 13.37 -0.61 13.95
C PHE D 136 13.66 -0.73 15.43
N LEU D 137 14.20 -1.87 15.84
CA LEU D 137 14.46 -2.11 17.25
C LEU D 137 15.40 -1.07 17.90
N PRO D 138 16.59 -0.84 17.33
CA PRO D 138 17.46 0.17 17.94
C PRO D 138 17.02 1.63 17.72
N ILE D 139 16.43 1.94 16.57
CA ILE D 139 16.05 3.34 16.27
C ILE D 139 14.81 3.79 17.06
N MET D 140 13.77 2.97 17.11
CA MET D 140 12.56 3.31 17.87
C MET D 140 12.80 3.29 19.39
N MET D 141 13.61 2.35 19.88
CA MET D 141 13.99 2.30 21.31
C MET D 141 15.15 3.21 21.72
N HIS D 142 15.61 4.08 20.81
CA HIS D 142 16.64 5.09 21.10
C HIS D 142 18.04 4.53 21.41
N TRP D 143 18.33 3.28 21.02
CA TRP D 143 19.66 2.70 21.26
C TRP D 143 20.71 3.35 20.36
N TRP D 144 20.29 3.75 19.17
CA TRP D 144 21.13 4.48 18.21
C TRP D 144 21.61 5.88 18.63
N ARG D 145 20.95 6.47 19.63
CA ARG D 145 21.20 7.89 20.05
C ARG D 145 22.63 8.21 20.51
N ASP D 146 23.18 9.31 20.03
CA ASP D 146 24.46 9.86 20.50
C ASP D 146 24.24 10.75 21.74
N GLU D 147 25.27 10.91 22.56
CA GLU D 147 25.25 11.75 23.78
C GLU D 147 25.67 13.21 23.54
N ASP D 148 26.60 13.41 22.61
CA ASP D 148 27.12 14.73 22.19
C ASP D 148 26.03 15.83 22.15
N PRO D 149 26.32 17.05 22.67
CA PRO D 149 25.30 18.13 22.68
C PRO D 149 24.71 18.55 21.32
N GLN D 150 25.53 18.58 20.27
CA GLN D 150 25.06 18.93 18.92
C GLN D 150 24.03 17.91 18.37
N ALA D 151 24.25 16.63 18.68
CA ALA D 151 23.30 15.56 18.35
C ALA D 151 22.00 15.69 19.15
N LEU D 152 22.12 16.03 20.43
CA LEU D 152 20.99 16.23 21.31
C LEU D 152 20.09 17.42 20.89
N LYS D 153 20.67 18.38 20.16
CA LYS D 153 19.89 19.50 19.60
C LYS D 153 18.99 19.08 18.43
N CYS D 154 19.48 18.17 17.58
CA CYS D 154 18.72 17.63 16.45
C CYS D 154 17.62 16.62 16.86
N TYR D 155 17.85 15.90 17.95
CA TYR D 155 16.84 14.95 18.47
C TYR D 155 15.63 15.68 19.08
N GLN D 156 15.87 16.82 19.72
CA GLN D 156 14.79 17.65 20.30
C GLN D 156 14.04 18.47 19.24
N ASP D 157 14.77 19.00 18.25
CA ASP D 157 14.17 19.77 17.14
C ASP D 157 13.40 18.83 16.18
N PRO D 158 12.06 19.00 16.07
CA PRO D 158 11.31 18.19 15.09
C PRO D 158 11.56 18.55 13.62
N GLY D 159 12.10 19.75 13.37
CA GLY D 159 12.52 20.15 12.05
C GLY D 159 13.83 19.52 11.58
N CYS D 160 14.62 19.01 12.52
CA CYS D 160 15.87 18.33 12.22
C CYS D 160 15.64 16.82 12.17
N CYS D 161 16.09 16.20 11.07
CA CYS D 161 16.04 14.74 10.89
C CYS D 161 17.35 14.28 10.25
N ASP D 162 18.46 14.67 10.87
CA ASP D 162 19.79 14.23 10.45
C ASP D 162 20.05 12.85 11.00
N PHE D 163 20.86 12.09 10.27
CA PHE D 163 21.21 10.72 10.64
C PHE D 163 22.51 10.74 11.44
N VAL D 164 22.37 10.88 12.75
CA VAL D 164 23.51 10.93 13.67
C VAL D 164 23.34 9.81 14.70
N THR D 165 24.42 9.07 14.93
CA THR D 165 24.41 7.89 15.79
C THR D 165 25.59 7.89 16.75
N ASN D 166 25.51 7.01 17.76
CA ASN D 166 26.66 6.73 18.62
C ASN D 166 27.70 5.87 17.87
N ARG D 167 28.78 5.50 18.56
CA ARG D 167 29.81 4.66 17.95
C ARG D 167 29.31 3.24 17.69
N ALA D 168 28.90 2.55 18.76
CA ALA D 168 28.48 1.15 18.71
C ALA D 168 27.48 0.83 17.59
N TYR D 169 26.42 1.64 17.50
CA TYR D 169 25.38 1.42 16.50
C TYR D 169 25.92 1.56 15.08
N ALA D 170 26.65 2.64 14.81
CA ALA D 170 27.16 2.87 13.44
C ALA D 170 28.15 1.81 13.00
N ILE D 171 28.92 1.25 13.93
CA ILE D 171 29.82 0.12 13.63
C ILE D 171 29.02 -1.16 13.41
N ALA D 172 28.21 -1.54 14.39
CA ALA D 172 27.44 -2.81 14.33
C ALA D 172 26.43 -2.84 13.18
N SER D 173 25.72 -1.74 12.99
CA SER D 173 24.76 -1.62 11.90
C SER D 173 25.46 -1.67 10.54
N SER D 174 26.58 -0.96 10.39
CA SER D 174 27.30 -0.93 9.11
C SER D 174 27.93 -2.27 8.76
N ILE D 175 28.41 -2.99 9.77
CA ILE D 175 28.99 -4.33 9.56
C ILE D 175 27.92 -5.35 9.13
N ILE D 176 26.80 -5.36 9.82
CA ILE D 176 25.72 -6.32 9.55
C ILE D 176 25.01 -6.02 8.22
N SER D 177 24.80 -4.75 7.93
CA SER D 177 24.07 -4.36 6.71
C SER D 177 24.92 -4.29 5.46
N PHE D 178 26.21 -3.95 5.60
CA PHE D 178 27.09 -3.72 4.43
C PHE D 178 28.38 -4.56 4.40
N TYR D 179 29.24 -4.46 5.42
CA TYR D 179 30.59 -5.01 5.35
C TYR D 179 30.65 -6.54 5.32
N ILE D 180 29.84 -7.23 6.15
CA ILE D 180 29.77 -8.71 6.08
C ILE D 180 29.19 -9.17 4.73
N PRO D 181 28.06 -8.59 4.28
CA PRO D 181 27.60 -8.84 2.92
C PRO D 181 28.63 -8.58 1.82
N LEU D 182 29.39 -7.49 1.93
CA LEU D 182 30.44 -7.19 0.96
C LEU D 182 31.51 -8.27 0.92
N LEU D 183 32.00 -8.69 2.08
CA LEU D 183 33.06 -9.71 2.15
C LEU D 183 32.59 -11.06 1.60
N ILE D 184 31.39 -11.48 2.00
CA ILE D 184 30.81 -12.73 1.50
C ILE D 184 30.72 -12.68 -0.03
N MET D 185 30.15 -11.60 -0.56
CA MET D 185 30.06 -11.41 -2.00
C MET D 185 31.42 -11.45 -2.70
N ILE D 186 32.44 -10.85 -2.11
CA ILE D 186 33.80 -10.90 -2.66
C ILE D 186 34.32 -12.34 -2.65
N PHE D 187 34.29 -12.96 -1.48
CA PHE D 187 34.73 -14.34 -1.30
C PHE D 187 34.06 -15.30 -2.27
N VAL D 188 32.73 -15.24 -2.31
CA VAL D 188 31.89 -16.12 -3.10
C VAL D 188 32.17 -15.97 -4.60
N TYR D 189 32.15 -14.73 -5.09
CA TYR D 189 32.38 -14.49 -6.52
C TYR D 189 33.84 -14.70 -6.92
N LEU D 190 34.77 -14.58 -5.98
CA LEU D 190 36.17 -14.90 -6.28
C LEU D 190 36.36 -16.41 -6.50
N ARG D 191 35.66 -17.22 -5.71
CA ARG D 191 35.62 -18.68 -5.93
C ARG D 191 34.97 -19.08 -7.28
N VAL D 192 34.04 -18.28 -7.79
CA VAL D 192 33.52 -18.47 -9.15
C VAL D 192 34.61 -18.18 -10.19
N TYR D 193 35.38 -17.12 -10.00
CA TYR D 193 36.50 -16.79 -10.87
C TYR D 193 37.59 -17.86 -10.81
N ARG D 194 37.93 -18.34 -9.60
CA ARG D 194 38.96 -19.39 -9.45
C ARG D 194 38.55 -20.71 -10.12
N GLU D 195 37.31 -21.12 -9.84
CA GLU D 195 36.76 -22.36 -10.42
C GLU D 195 36.77 -22.32 -11.94
N ALA D 196 36.42 -21.16 -12.50
CA ALA D 196 36.46 -20.93 -13.95
C ALA D 196 37.88 -20.93 -14.48
N LYS D 197 38.78 -20.24 -13.80
CA LYS D 197 40.19 -20.16 -14.22
C LYS D 197 40.87 -21.53 -14.20
N GLU D 198 40.56 -22.34 -13.17
CA GLU D 198 41.12 -23.69 -13.08
C GLU D 198 40.56 -24.60 -14.20
N GLN D 199 39.24 -24.56 -14.38
CA GLN D 199 38.58 -25.41 -15.36
C GLN D 199 39.04 -25.05 -16.78
N ILE D 200 39.22 -23.75 -17.05
CA ILE D 200 39.71 -23.25 -18.33
C ILE D 200 41.14 -23.71 -18.56
N ARG D 201 41.95 -23.70 -17.49
CA ARG D 201 43.35 -24.10 -17.57
C ARG D 201 43.51 -25.58 -17.98
N LYS D 202 42.62 -26.46 -17.48
CA LYS D 202 42.65 -27.88 -17.87
C LYS D 202 42.29 -28.10 -19.34
N ILE D 203 41.27 -27.37 -19.80
CA ILE D 203 40.82 -27.40 -21.20
C ILE D 203 41.94 -26.91 -22.15
N ASP D 204 42.68 -25.88 -21.75
CA ASP D 204 43.86 -25.43 -22.51
C ASP D 204 45.00 -26.46 -22.50
N ARG D 205 45.20 -27.12 -21.36
CA ARG D 205 46.22 -28.15 -21.23
C ARG D 205 45.91 -29.38 -22.08
N ALA D 206 44.65 -29.80 -22.05
CA ALA D 206 44.18 -30.97 -22.83
C ALA D 206 44.44 -30.87 -24.33
N SER D 207 44.37 -29.66 -24.89
CA SER D 207 44.78 -29.39 -26.27
C SER D 207 46.31 -29.26 -26.34
N MET D 215 40.87 -16.63 -23.73
CA MET D 215 39.54 -16.25 -23.30
C MET D 215 38.62 -16.03 -24.49
N ALA D 216 37.58 -16.87 -24.59
CA ALA D 216 36.59 -16.77 -25.67
C ALA D 216 35.57 -15.65 -25.39
N MET D 217 34.56 -15.53 -26.25
CA MET D 217 33.50 -14.54 -26.08
C MET D 217 32.73 -14.73 -24.76
N LYS D 218 32.47 -15.98 -24.39
CA LYS D 218 31.76 -16.30 -23.14
C LYS D 218 32.52 -15.90 -21.88
N GLU D 219 33.84 -16.06 -21.87
CA GLU D 219 34.67 -15.76 -20.68
C GLU D 219 34.84 -14.25 -20.44
N HIS D 220 34.98 -13.47 -21.51
CA HIS D 220 35.05 -12.00 -21.40
C HIS D 220 33.73 -11.40 -20.90
N LYS D 221 32.61 -11.94 -21.40
CA LYS D 221 31.28 -11.52 -20.96
C LYS D 221 31.02 -11.88 -19.48
N ALA D 222 31.46 -13.06 -19.07
CA ALA D 222 31.31 -13.51 -17.68
C ALA D 222 32.12 -12.64 -16.72
N LEU D 223 33.31 -12.24 -17.15
CA LEU D 223 34.18 -11.41 -16.34
C LEU D 223 33.68 -9.95 -16.28
N LYS D 224 33.15 -9.46 -17.40
CA LYS D 224 32.52 -8.14 -17.44
C LYS D 224 31.25 -8.08 -16.56
N THR D 225 30.42 -9.12 -16.66
CA THR D 225 29.24 -9.28 -15.80
C THR D 225 29.59 -9.34 -14.31
N LEU D 226 30.66 -10.06 -13.98
CA LEU D 226 31.13 -10.17 -12.60
C LEU D 226 31.66 -8.82 -12.08
N GLY D 227 32.21 -8.03 -12.99
CA GLY D 227 32.65 -6.68 -12.70
C GLY D 227 31.50 -5.73 -12.40
N ILE D 228 30.48 -5.75 -13.25
CA ILE D 228 29.29 -4.91 -13.03
C ILE D 228 28.66 -5.19 -11.66
N ILE D 229 28.51 -6.47 -11.33
CA ILE D 229 27.87 -6.91 -10.07
C ILE D 229 28.57 -6.29 -8.85
N MET D 230 29.87 -6.54 -8.73
CA MET D 230 30.67 -6.03 -7.61
C MET D 230 30.95 -4.53 -7.73
N GLY D 231 31.15 -4.07 -8.95
CA GLY D 231 31.51 -2.67 -9.21
C GLY D 231 30.42 -1.68 -8.86
N VAL D 232 29.22 -1.92 -9.38
CA VAL D 232 28.07 -1.04 -9.15
C VAL D 232 27.66 -1.07 -7.68
N PHE D 233 27.56 -2.28 -7.11
CA PHE D 233 27.25 -2.43 -5.67
C PHE D 233 28.23 -1.66 -4.78
N THR D 234 29.52 -1.76 -5.10
CA THR D 234 30.57 -1.14 -4.29
C THR D 234 30.63 0.37 -4.52
N LEU D 235 30.62 0.80 -5.77
CA LEU D 235 30.54 2.23 -6.09
C LEU D 235 29.36 2.93 -5.41
N CYS D 236 28.17 2.32 -5.46
CA CYS D 236 26.95 2.95 -4.92
C CYS D 236 26.90 3.05 -3.40
N TRP D 237 27.36 2.01 -2.69
CA TRP D 237 27.27 1.97 -1.23
C TRP D 237 28.57 2.12 -0.44
N LEU D 238 29.72 1.76 -1.00
CA LEU D 238 30.98 1.84 -0.23
C LEU D 238 31.30 3.25 0.28
N PRO D 239 31.17 4.28 -0.58
CA PRO D 239 31.49 5.64 -0.11
C PRO D 239 30.66 6.05 1.11
N PHE D 240 29.35 5.84 1.07
CA PHE D 240 28.46 6.14 2.19
C PHE D 240 28.87 5.40 3.46
N PHE D 241 29.03 4.08 3.36
CA PHE D 241 29.32 3.24 4.53
C PHE D 241 30.75 3.42 5.06
N LEU D 242 31.65 3.89 4.22
CA LEU D 242 33.02 4.24 4.64
C LEU D 242 32.92 5.51 5.49
N VAL D 243 32.25 6.51 4.95
CA VAL D 243 32.06 7.80 5.62
C VAL D 243 31.20 7.67 6.89
N ASN D 244 30.26 6.73 6.90
CA ASN D 244 29.42 6.50 8.09
C ASN D 244 30.25 6.09 9.31
N ILE D 245 31.33 5.34 9.09
CA ILE D 245 32.26 4.96 10.16
C ILE D 245 33.24 6.09 10.49
N VAL D 246 33.67 6.84 9.46
CA VAL D 246 34.53 8.01 9.65
C VAL D 246 33.88 9.04 10.61
N ASN D 247 32.59 9.32 10.40
CA ASN D 247 31.81 10.25 11.25
C ASN D 247 31.81 9.89 12.74
N VAL D 248 31.81 8.60 13.05
CA VAL D 248 31.86 8.10 14.43
C VAL D 248 33.13 8.53 15.18
N PHE D 249 34.24 8.70 14.45
CA PHE D 249 35.49 9.14 15.06
C PHE D 249 35.69 10.65 14.85
N ASN D 250 36.35 11.07 13.77
CA ASN D 250 36.65 12.50 13.55
C ASN D 250 35.58 13.13 12.64
N ARG D 251 34.47 13.58 13.24
CA ARG D 251 33.27 14.02 12.49
C ARG D 251 33.46 15.26 11.60
N ASP D 252 34.41 16.13 11.93
CA ASP D 252 34.62 17.35 11.13
C ASP D 252 35.34 17.12 9.79
N LEU D 253 35.93 15.94 9.60
CA LEU D 253 36.77 15.63 8.43
C LEU D 253 36.04 15.69 7.06
N VAL D 254 34.85 15.09 6.98
CA VAL D 254 34.08 15.04 5.73
C VAL D 254 32.86 15.97 5.84
N PRO D 255 32.62 16.83 4.81
CA PRO D 255 31.47 17.75 4.90
C PRO D 255 30.11 17.06 4.82
N ASP D 256 29.09 17.72 5.37
CA ASP D 256 27.73 17.17 5.39
C ASP D 256 27.12 16.98 4.00
N TRP D 257 27.34 17.95 3.10
CA TRP D 257 26.78 17.88 1.74
C TRP D 257 27.25 16.63 0.96
N LEU D 258 28.49 16.20 1.20
CA LEU D 258 29.07 15.02 0.53
C LEU D 258 28.48 13.72 1.07
N PHE D 259 28.38 13.63 2.40
CA PHE D 259 27.77 12.47 3.05
C PHE D 259 26.31 12.26 2.63
N VAL D 260 25.59 13.36 2.43
CA VAL D 260 24.25 13.32 1.86
C VAL D 260 24.31 12.83 0.41
N ALA D 261 25.21 13.39 -0.39
CA ALA D 261 25.36 12.99 -1.80
C ALA D 261 25.69 11.50 -1.94
N PHE D 262 26.58 10.99 -1.08
CA PHE D 262 26.89 9.55 -1.03
C PHE D 262 25.68 8.68 -0.69
N ASN D 263 24.78 9.19 0.15
CA ASN D 263 23.52 8.49 0.46
C ASN D 263 22.61 8.40 -0.78
N TRP D 264 22.60 9.45 -1.61
CA TRP D 264 21.83 9.40 -2.88
C TRP D 264 22.39 8.41 -3.90
N LEU D 265 23.69 8.19 -3.85
CA LEU D 265 24.36 7.21 -4.70
C LEU D 265 23.90 5.79 -4.35
N GLY D 266 23.79 5.51 -3.05
CA GLY D 266 23.23 4.25 -2.55
C GLY D 266 21.76 4.03 -2.89
N TYR D 267 20.97 5.09 -2.87
CA TYR D 267 19.58 4.99 -3.32
C TYR D 267 19.51 4.65 -4.81
N ALA D 268 20.48 5.13 -5.59
CA ALA D 268 20.55 4.84 -7.03
C ALA D 268 20.80 3.36 -7.34
N ASN D 269 21.47 2.66 -6.41
CA ASN D 269 21.65 1.21 -6.48
C ASN D 269 20.31 0.48 -6.68
N SER D 270 19.28 0.91 -5.95
CA SER D 270 17.95 0.32 -6.08
C SER D 270 17.32 0.46 -7.49
N ALA D 271 17.77 1.45 -8.26
CA ALA D 271 17.42 1.56 -9.70
C ALA D 271 18.27 0.64 -10.57
N MET D 272 19.51 0.40 -10.17
CA MET D 272 20.44 -0.46 -10.91
C MET D 272 20.13 -1.96 -10.85
N ASN D 273 19.66 -2.43 -9.70
CA ASN D 273 19.46 -3.88 -9.49
C ASN D 273 18.49 -4.55 -10.50
N PRO D 274 17.36 -3.90 -10.83
CA PRO D 274 16.55 -4.45 -11.93
C PRO D 274 17.32 -4.67 -13.23
N ILE D 275 18.21 -3.74 -13.57
CA ILE D 275 18.99 -3.78 -14.81
C ILE D 275 20.09 -4.85 -14.74
N ILE D 276 20.73 -5.01 -13.58
CA ILE D 276 21.81 -5.98 -13.42
C ILE D 276 21.32 -7.43 -13.35
N TYR D 277 20.27 -7.68 -12.58
CA TYR D 277 19.87 -9.04 -12.21
C TYR D 277 18.66 -9.62 -12.97
N CYS D 278 18.13 -8.90 -13.98
CA CYS D 278 16.97 -9.40 -14.74
C CYS D 278 17.19 -9.33 -16.24
N ARG D 279 18.38 -9.74 -16.68
CA ARG D 279 18.76 -9.72 -18.09
C ARG D 279 18.44 -11.01 -18.85
N SER D 280 17.87 -12.01 -18.18
CA SER D 280 17.65 -13.31 -18.82
C SER D 280 16.74 -13.21 -20.04
N PRO D 281 16.87 -14.14 -21.00
CA PRO D 281 15.96 -14.19 -22.14
C PRO D 281 14.49 -14.18 -21.71
N ASP D 282 14.15 -14.96 -20.70
CA ASP D 282 12.76 -15.05 -20.23
C ASP D 282 12.27 -13.71 -19.64
N PHE D 283 13.14 -13.00 -18.93
CA PHE D 283 12.83 -11.64 -18.44
C PHE D 283 12.59 -10.67 -19.59
N ARG D 284 13.44 -10.71 -20.61
CA ARG D 284 13.30 -9.82 -21.77
C ARG D 284 11.99 -10.06 -22.53
N LYS D 285 11.61 -11.33 -22.69
CA LYS D 285 10.31 -11.69 -23.27
C LYS D 285 9.15 -11.15 -22.44
N ALA D 286 9.28 -11.27 -21.12
CA ALA D 286 8.24 -10.81 -20.19
C ALA D 286 8.09 -9.30 -20.25
N PHE D 287 9.20 -8.57 -20.24
CA PHE D 287 9.16 -7.10 -20.30
C PHE D 287 8.47 -6.60 -21.57
N LYS D 288 8.78 -7.21 -22.72
CA LYS D 288 8.12 -6.86 -23.98
C LYS D 288 6.62 -7.14 -23.95
N ARG D 289 6.24 -8.30 -23.41
CA ARG D 289 4.83 -8.65 -23.25
C ARG D 289 4.10 -7.70 -22.30
N LEU D 290 4.76 -7.29 -21.21
CA LEU D 290 4.16 -6.38 -20.24
C LEU D 290 3.99 -4.95 -20.76
N LEU D 291 4.81 -4.54 -21.73
CA LEU D 291 4.72 -3.22 -22.35
C LEU D 291 4.02 -3.28 -23.73
N ALA D 292 3.05 -4.20 -23.87
CA ALA D 292 2.48 -4.56 -25.20
C ALA D 292 1.45 -3.55 -25.73
N PHE D 293 0.26 -3.53 -25.14
CA PHE D 293 -0.86 -2.70 -25.66
C PHE D 293 -0.65 -1.22 -25.34
N GLN E 2 -27.11 19.87 29.86
CA GLN E 2 -26.73 20.90 28.86
C GLN E 2 -25.39 21.54 29.24
N VAL E 3 -24.59 21.87 28.23
CA VAL E 3 -23.33 22.59 28.45
C VAL E 3 -23.62 24.08 28.55
N GLN E 4 -23.01 24.75 29.54
CA GLN E 4 -23.10 26.21 29.67
C GLN E 4 -21.75 26.83 30.00
N LEU E 5 -21.49 27.98 29.37
CA LEU E 5 -20.26 28.73 29.55
C LEU E 5 -20.57 30.00 30.36
N GLN E 6 -19.90 30.15 31.50
CA GLN E 6 -20.10 31.30 32.39
C GLN E 6 -18.89 32.24 32.38
N GLU E 7 -19.06 33.43 31.81
CA GLU E 7 -17.97 34.39 31.66
C GLU E 7 -17.94 35.40 32.80
N SER E 8 -16.73 35.73 33.27
CA SER E 8 -16.54 36.78 34.25
C SER E 8 -15.17 37.42 34.10
N GLY E 9 -14.97 38.51 34.85
CA GLY E 9 -13.67 39.17 34.94
C GLY E 9 -13.48 40.42 34.09
N GLY E 10 -14.47 40.74 33.27
CA GLY E 10 -14.41 41.94 32.42
C GLY E 10 -14.85 43.20 33.14
N GLY E 11 -14.93 44.30 32.38
CA GLY E 11 -15.40 45.58 32.90
C GLY E 11 -14.63 46.76 32.33
N LEU E 12 -14.60 47.85 33.09
CA LEU E 12 -13.86 49.07 32.72
C LEU E 12 -12.47 49.03 33.34
N VAL E 13 -11.50 49.55 32.61
CA VAL E 13 -10.12 49.60 33.07
C VAL E 13 -9.33 50.66 32.31
N GLN E 14 -8.32 51.21 32.99
CA GLN E 14 -7.43 52.24 32.42
C GLN E 14 -6.43 51.63 31.44
N ALA E 15 -6.06 52.39 30.41
CA ALA E 15 -5.02 51.98 29.46
C ALA E 15 -3.70 51.71 30.19
N GLY E 16 -3.07 50.58 29.87
CA GLY E 16 -1.89 50.11 30.62
C GLY E 16 -2.23 49.19 31.78
N GLY E 17 -3.50 49.13 32.17
CA GLY E 17 -3.97 48.21 33.19
C GLY E 17 -4.20 46.80 32.68
N SER E 18 -4.70 45.94 33.57
CA SER E 18 -4.85 44.53 33.30
C SER E 18 -6.19 43.96 33.80
N LEU E 19 -6.73 42.99 33.05
CA LEU E 19 -7.88 42.23 33.44
C LEU E 19 -7.56 40.75 33.35
N ARG E 20 -8.39 39.95 34.04
CA ARG E 20 -8.31 38.49 33.99
C ARG E 20 -9.70 37.93 33.73
N LEU E 21 -9.96 37.59 32.47
CA LEU E 21 -11.20 36.92 32.10
C LEU E 21 -11.15 35.46 32.53
N SER E 22 -12.32 34.88 32.67
CA SER E 22 -12.46 33.53 33.18
C SER E 22 -13.79 32.95 32.69
N CYS E 23 -13.74 31.79 32.06
CA CYS E 23 -14.93 31.14 31.53
C CYS E 23 -15.02 29.71 32.06
N ALA E 24 -16.03 29.45 32.90
CA ALA E 24 -16.24 28.13 33.50
C ALA E 24 -17.28 27.34 32.72
N ALA E 25 -16.84 26.31 32.02
CA ALA E 25 -17.74 25.44 31.28
C ALA E 25 -18.28 24.33 32.17
N SER E 26 -19.59 24.32 32.41
CA SER E 26 -20.26 23.22 33.10
C SER E 26 -20.89 22.27 32.09
N GLY E 27 -20.97 20.99 32.45
CA GLY E 27 -21.63 19.97 31.63
C GLY E 27 -20.63 19.07 30.95
N SER E 28 -21.14 18.06 30.24
CA SER E 28 -20.32 17.05 29.61
C SER E 28 -19.59 17.61 28.38
N ILE E 29 -18.26 17.68 28.47
CA ILE E 29 -17.40 18.07 27.36
C ILE E 29 -16.41 16.92 27.13
N PHE E 30 -16.14 16.61 25.86
CA PHE E 30 -15.21 15.56 25.50
C PHE E 30 -13.81 16.01 25.91
N ALA E 31 -13.03 15.08 26.44
CA ALA E 31 -11.67 15.37 26.94
C ALA E 31 -10.77 16.06 25.92
N LEU E 32 -10.95 15.75 24.63
CA LEU E 32 -10.27 16.44 23.55
C LEU E 32 -11.10 17.62 23.07
N ASN E 33 -10.58 18.83 23.24
CA ASN E 33 -11.31 20.06 22.92
C ASN E 33 -10.39 21.27 22.85
N ILE E 34 -10.93 22.37 22.36
CA ILE E 34 -10.26 23.67 22.38
C ILE E 34 -11.16 24.70 23.08
N MET E 35 -10.66 25.26 24.18
CA MET E 35 -11.30 26.41 24.82
C MET E 35 -10.58 27.67 24.37
N GLY E 36 -11.35 28.69 24.03
CA GLY E 36 -10.78 29.91 23.48
C GLY E 36 -11.57 31.16 23.81
N TRP E 37 -10.99 32.29 23.41
CA TRP E 37 -11.60 33.59 23.54
C TRP E 37 -11.61 34.27 22.20
N TYR E 38 -12.79 34.70 21.76
CA TYR E 38 -12.94 35.55 20.59
C TYR E 38 -13.43 36.92 21.06
N ARG E 39 -13.37 37.92 20.18
CA ARG E 39 -13.85 39.26 20.51
C ARG E 39 -14.41 40.00 19.29
N GLN E 40 -15.41 40.84 19.54
CA GLN E 40 -16.06 41.62 18.49
C GLN E 40 -16.14 43.08 18.89
N ALA E 41 -15.18 43.87 18.40
CA ALA E 41 -15.20 45.33 18.56
C ALA E 41 -16.38 45.95 17.80
N PRO E 42 -16.84 47.15 18.21
CA PRO E 42 -18.11 47.64 17.65
C PRO E 42 -17.97 48.00 16.17
N GLY E 43 -18.88 47.49 15.35
CA GLY E 43 -18.80 47.65 13.90
C GLY E 43 -17.59 46.99 13.26
N LYS E 44 -17.25 45.79 13.74
CA LYS E 44 -16.17 44.96 13.17
C LYS E 44 -16.61 43.50 13.22
N GLN E 45 -15.78 42.61 12.69
CA GLN E 45 -16.07 41.18 12.71
C GLN E 45 -15.39 40.50 13.88
N ARG E 46 -16.02 39.42 14.36
CA ARG E 46 -15.49 38.58 15.43
C ARG E 46 -14.14 37.99 15.01
N GLU E 47 -13.12 38.21 15.82
CA GLU E 47 -11.78 37.64 15.58
C GLU E 47 -11.37 36.73 16.73
N LEU E 48 -10.40 35.86 16.48
CA LEU E 48 -9.81 35.05 17.54
C LEU E 48 -8.86 35.93 18.33
N VAL E 49 -8.85 35.73 19.66
CA VAL E 49 -7.88 36.36 20.55
C VAL E 49 -6.85 35.32 20.95
N ALA E 50 -7.34 34.24 21.57
CA ALA E 50 -6.47 33.18 22.09
C ALA E 50 -7.23 31.87 22.29
N ALA E 51 -6.51 30.76 22.12
CA ALA E 51 -7.09 29.42 22.26
C ALA E 51 -6.07 28.47 22.85
N ILE E 52 -6.57 27.51 23.61
CA ILE E 52 -5.73 26.50 24.23
C ILE E 52 -6.40 25.13 24.09
N HIS E 53 -5.66 24.20 23.50
CA HIS E 53 -6.12 22.82 23.31
C HIS E 53 -6.00 22.11 24.64
N SER E 54 -6.84 21.09 24.84
CA SER E 54 -6.82 20.26 26.05
C SER E 54 -5.42 19.70 26.38
N GLY E 55 -4.70 19.29 25.35
CA GLY E 55 -3.32 18.83 25.44
C GLY E 55 -2.37 19.83 26.07
N GLY E 56 -2.50 21.10 25.71
CA GLY E 56 -1.68 22.19 26.29
C GLY E 56 -1.19 23.25 25.32
N THR E 57 -1.13 22.93 24.03
CA THR E 57 -0.69 23.87 23.00
C THR E 57 -1.63 25.09 22.91
N THR E 58 -1.09 26.21 22.42
CA THR E 58 -1.82 27.48 22.37
C THR E 58 -1.68 28.17 21.02
N ASN E 59 -2.50 29.19 20.83
CA ASN E 59 -2.55 29.94 19.58
C ASN E 59 -3.08 31.33 19.89
N TYR E 60 -2.31 32.35 19.55
CA TYR E 60 -2.63 33.75 19.84
C TYR E 60 -2.71 34.57 18.55
N ALA E 61 -3.60 35.56 18.52
CA ALA E 61 -3.60 36.55 17.45
C ALA E 61 -2.40 37.50 17.60
N ASN E 62 -1.96 38.07 16.48
CA ASN E 62 -0.75 38.92 16.50
C ASN E 62 -0.92 40.20 17.31
N SER E 63 -2.08 40.84 17.20
CA SER E 63 -2.38 42.06 17.95
C SER E 63 -2.16 41.95 19.48
N VAL E 64 -2.34 40.74 20.03
CA VAL E 64 -2.22 40.51 21.48
C VAL E 64 -1.02 39.65 21.94
N LYS E 65 -0.10 39.32 21.03
CA LYS E 65 1.05 38.47 21.37
C LYS E 65 1.97 39.14 22.39
N GLY E 66 2.35 38.40 23.43
CA GLY E 66 3.23 38.93 24.48
C GLY E 66 2.51 39.68 25.60
N ARG E 67 1.32 40.20 25.31
CA ARG E 67 0.53 40.95 26.29
C ARG E 67 -0.47 40.04 27.00
N PHE E 68 -1.24 39.27 26.21
CA PHE E 68 -2.27 38.38 26.75
C PHE E 68 -1.66 37.00 26.99
N THR E 69 -2.31 36.20 27.84
CA THR E 69 -1.88 34.83 28.13
C THR E 69 -3.07 33.97 28.49
N ILE E 70 -3.29 32.90 27.71
CA ILE E 70 -4.38 31.96 27.93
C ILE E 70 -3.84 30.74 28.66
N SER E 71 -4.61 30.28 29.64
CA SER E 71 -4.25 29.13 30.44
C SER E 71 -5.55 28.48 30.83
N ARG E 72 -5.49 27.26 31.36
CA ARG E 72 -6.70 26.58 31.77
C ARG E 72 -6.50 25.74 33.01
N ASP E 73 -7.60 25.57 33.74
CA ASP E 73 -7.62 24.81 35.00
C ASP E 73 -7.36 23.35 34.67
N ASN E 74 -6.30 22.80 35.28
CA ASN E 74 -5.95 21.39 35.13
C ASN E 74 -7.08 20.42 35.54
N ALA E 75 -7.84 20.77 36.58
CA ALA E 75 -8.96 19.94 37.05
C ALA E 75 -10.22 20.10 36.19
N ALA E 76 -10.90 21.24 36.33
CA ALA E 76 -12.20 21.49 35.69
C ALA E 76 -12.06 22.08 34.27
N ASN E 77 -13.19 22.29 33.61
CA ASN E 77 -13.23 22.94 32.30
C ASN E 77 -13.39 24.46 32.46
N THR E 78 -12.31 25.11 32.91
CA THR E 78 -12.28 26.56 33.08
C THR E 78 -11.05 27.13 32.38
N VAL E 79 -11.24 28.21 31.65
CA VAL E 79 -10.18 28.82 30.86
C VAL E 79 -10.05 30.30 31.23
N TYR E 80 -8.80 30.73 31.45
CA TYR E 80 -8.48 32.08 31.88
C TYR E 80 -7.78 32.85 30.77
N LEU E 81 -8.02 34.14 30.68
CA LEU E 81 -7.27 35.03 29.79
C LEU E 81 -6.73 36.17 30.62
N GLN E 82 -5.42 36.15 30.87
CA GLN E 82 -4.74 37.19 31.62
C GLN E 82 -4.34 38.28 30.63
N MET E 83 -5.10 39.37 30.60
CA MET E 83 -4.87 40.49 29.69
C MET E 83 -4.07 41.58 30.40
N ASN E 84 -2.80 41.76 30.03
CA ASN E 84 -1.95 42.84 30.55
C ASN E 84 -1.69 43.87 29.45
N SER E 85 -1.29 45.08 29.86
CA SER E 85 -0.92 46.17 28.93
C SER E 85 -2.04 46.54 27.95
N LEU E 86 -3.26 46.67 28.47
CA LEU E 86 -4.42 46.92 27.64
C LEU E 86 -4.32 48.27 26.91
N LYS E 87 -4.96 48.35 25.74
CA LYS E 87 -5.01 49.55 24.92
C LYS E 87 -6.46 49.85 24.56
N PRO E 88 -6.76 51.08 24.11
CA PRO E 88 -8.14 51.36 23.64
C PRO E 88 -8.61 50.48 22.47
N GLU E 89 -7.68 49.95 21.66
CA GLU E 89 -8.01 49.04 20.56
C GLU E 89 -8.55 47.69 21.03
N ASP E 90 -8.20 47.27 22.25
CA ASP E 90 -8.67 46.00 22.82
C ASP E 90 -10.12 46.03 23.28
N THR E 91 -10.77 47.19 23.28
CA THR E 91 -12.17 47.32 23.69
C THR E 91 -13.10 46.54 22.76
N ALA E 92 -13.82 45.57 23.35
CA ALA E 92 -14.76 44.73 22.61
C ALA E 92 -15.62 43.89 23.56
N VAL E 93 -16.66 43.26 23.00
CA VAL E 93 -17.38 42.18 23.67
C VAL E 93 -16.55 40.91 23.48
N TYR E 94 -16.09 40.31 24.58
CA TYR E 94 -15.26 39.09 24.53
C TYR E 94 -16.15 37.86 24.76
N TYR E 95 -16.07 36.90 23.83
CA TYR E 95 -16.85 35.66 23.88
C TYR E 95 -15.98 34.43 24.17
N CYS E 96 -16.44 33.60 25.08
CA CYS E 96 -15.82 32.32 25.36
C CYS E 96 -16.30 31.34 24.31
N ASN E 97 -15.46 30.37 23.97
CA ASN E 97 -15.83 29.36 22.97
C ASN E 97 -15.20 28.02 23.28
N VAL E 98 -15.99 26.95 23.12
CA VAL E 98 -15.54 25.58 23.30
C VAL E 98 -15.85 24.79 22.03
N LYS E 99 -14.79 24.29 21.38
CA LYS E 99 -14.89 23.36 20.25
C LYS E 99 -14.72 21.95 20.79
N ASP E 100 -15.80 21.19 20.74
CA ASP E 100 -15.83 19.83 21.26
C ASP E 100 -15.57 18.85 20.12
N PHE E 101 -14.65 17.90 20.33
CA PHE E 101 -14.29 16.92 19.31
C PHE E 101 -14.92 15.53 19.51
N GLY E 102 -16.02 15.47 20.26
CA GLY E 102 -16.61 14.19 20.65
C GLY E 102 -17.25 13.36 19.56
N ALA E 103 -17.60 13.98 18.42
CA ALA E 103 -18.15 13.24 17.27
C ALA E 103 -17.07 12.73 16.30
N ILE E 104 -15.83 13.15 16.48
CA ILE E 104 -14.67 12.66 15.71
C ILE E 104 -14.54 13.23 14.29
N ILE E 105 -15.64 13.18 13.52
CA ILE E 105 -15.64 13.58 12.11
C ILE E 105 -15.89 15.09 11.97
N TYR E 106 -16.67 15.64 12.89
CA TYR E 106 -16.96 17.08 12.94
C TYR E 106 -16.84 17.60 14.38
N ASP E 107 -16.67 18.90 14.50
CA ASP E 107 -16.52 19.55 15.81
C ASP E 107 -17.80 20.30 16.15
N TYR E 108 -18.19 20.26 17.41
CA TYR E 108 -19.39 20.94 17.89
C TYR E 108 -18.98 22.18 18.68
N ASP E 109 -19.65 23.31 18.41
CA ASP E 109 -19.31 24.60 19.04
C ASP E 109 -20.29 25.05 20.11
N TYR E 110 -19.74 25.59 21.20
CA TYR E 110 -20.49 26.26 22.26
C TYR E 110 -19.98 27.68 22.40
N TRP E 111 -20.88 28.66 22.41
CA TRP E 111 -20.52 30.07 22.64
C TRP E 111 -21.15 30.64 23.90
N GLY E 112 -20.39 31.43 24.64
CA GLY E 112 -20.91 32.22 25.76
C GLY E 112 -21.71 33.41 25.27
N GLN E 113 -22.49 34.00 26.17
CA GLN E 113 -23.28 35.21 25.87
C GLN E 113 -22.42 36.42 25.53
N GLY E 114 -21.22 36.49 26.13
CA GLY E 114 -20.29 37.59 25.95
C GLY E 114 -20.16 38.43 27.22
N THR E 115 -19.04 39.13 27.33
CA THR E 115 -18.78 40.01 28.45
C THR E 115 -18.03 41.25 27.95
N GLN E 116 -18.49 42.44 28.36
CA GLN E 116 -17.91 43.68 27.87
C GLN E 116 -16.56 43.93 28.54
N VAL E 117 -15.64 44.43 27.75
CA VAL E 117 -14.35 44.90 28.22
C VAL E 117 -14.17 46.25 27.54
N THR E 118 -14.15 47.32 28.33
CA THR E 118 -13.96 48.67 27.83
C THR E 118 -12.67 49.24 28.40
N VAL E 119 -11.76 49.64 27.52
CA VAL E 119 -10.47 50.19 27.91
C VAL E 119 -10.43 51.66 27.52
N SER E 120 -10.38 52.54 28.52
CA SER E 120 -10.33 53.98 28.30
C SER E 120 -8.89 54.48 28.30
N SER E 121 -8.68 55.63 27.67
CA SER E 121 -7.37 56.29 27.62
C SER E 121 -7.22 57.22 28.82
N SER F 1 30.89 -19.07 -34.72
CA SER F 1 30.35 -18.10 -33.73
C SER F 1 29.26 -18.74 -32.87
N GLN F 2 28.15 -19.10 -33.52
CA GLN F 2 26.98 -19.69 -32.88
C GLN F 2 27.31 -21.08 -32.31
N VAL F 3 26.68 -21.44 -31.20
CA VAL F 3 26.82 -22.77 -30.61
C VAL F 3 25.89 -23.74 -31.32
N GLN F 4 26.41 -24.92 -31.65
CA GLN F 4 25.60 -26.02 -32.19
C GLN F 4 25.92 -27.35 -31.53
N LEU F 5 24.88 -28.14 -31.28
CA LEU F 5 25.02 -29.47 -30.68
C LEU F 5 24.73 -30.52 -31.73
N GLN F 6 25.70 -31.41 -31.97
CA GLN F 6 25.61 -32.45 -33.01
C GLN F 6 25.50 -33.83 -32.36
N GLU F 7 24.33 -34.45 -32.50
CA GLU F 7 24.04 -35.74 -31.88
C GLU F 7 24.29 -36.89 -32.85
N SER F 8 24.86 -37.97 -32.33
CA SER F 8 25.04 -39.21 -33.08
C SER F 8 25.02 -40.41 -32.14
N GLY F 9 25.02 -41.60 -32.75
CA GLY F 9 25.15 -42.86 -32.02
C GLY F 9 23.86 -43.63 -31.74
N GLY F 10 22.72 -43.05 -32.09
CA GLY F 10 21.43 -43.71 -31.91
C GLY F 10 21.06 -44.63 -33.06
N GLY F 11 19.83 -45.16 -33.01
CA GLY F 11 19.29 -46.04 -34.05
C GLY F 11 18.46 -47.18 -33.51
N LEU F 12 18.40 -48.28 -34.26
CA LEU F 12 17.70 -49.50 -33.83
C LEU F 12 18.67 -50.44 -33.14
N VAL F 13 18.17 -51.16 -32.14
CA VAL F 13 18.96 -52.13 -31.40
C VAL F 13 18.06 -53.13 -30.67
N GLN F 14 18.57 -54.34 -30.48
CA GLN F 14 17.86 -55.42 -29.79
C GLN F 14 17.84 -55.19 -28.26
N ALA F 15 16.78 -55.63 -27.60
CA ALA F 15 16.69 -55.60 -26.14
C ALA F 15 17.85 -56.38 -25.50
N GLY F 16 18.50 -55.79 -24.52
CA GLY F 16 19.74 -56.34 -23.94
C GLY F 16 21.00 -55.82 -24.60
N GLY F 17 20.87 -55.18 -25.76
CA GLY F 17 22.00 -54.58 -26.46
C GLY F 17 22.39 -53.21 -25.90
N SER F 18 23.37 -52.60 -26.56
CA SER F 18 23.95 -51.34 -26.09
C SER F 18 24.18 -50.33 -27.22
N LEU F 19 24.00 -49.05 -26.90
CA LEU F 19 24.34 -47.94 -27.78
C LEU F 19 25.24 -46.97 -27.04
N ARG F 20 25.91 -46.13 -27.81
CA ARG F 20 26.76 -45.06 -27.29
C ARG F 20 26.43 -43.76 -28.01
N LEU F 21 25.59 -42.94 -27.34
CA LEU F 21 25.28 -41.61 -27.85
C LEU F 21 26.46 -40.69 -27.65
N SER F 22 26.50 -39.63 -28.45
CA SER F 22 27.61 -38.69 -28.44
C SER F 22 27.13 -37.36 -28.98
N CYS F 23 27.37 -36.30 -28.21
CA CYS F 23 26.95 -34.95 -28.59
C CYS F 23 28.13 -34.01 -28.56
N ALA F 24 28.55 -33.53 -29.73
CA ALA F 24 29.67 -32.62 -29.88
C ALA F 24 29.19 -31.18 -29.97
N ALA F 25 29.44 -30.40 -28.92
CA ALA F 25 29.10 -28.98 -28.91
C ALA F 25 30.22 -28.15 -29.52
N SER F 26 29.93 -27.50 -30.65
CA SER F 26 30.86 -26.56 -31.28
C SER F 26 30.48 -25.14 -30.90
N GLY F 27 31.49 -24.26 -30.81
CA GLY F 27 31.28 -22.85 -30.49
C GLY F 27 31.66 -22.53 -29.06
N SER F 28 31.58 -21.25 -28.72
CA SER F 28 32.01 -20.74 -27.41
C SER F 28 31.02 -21.13 -26.31
N ILE F 29 31.48 -21.96 -25.38
CA ILE F 29 30.73 -22.32 -24.18
C ILE F 29 31.58 -21.93 -22.96
N PHE F 30 30.92 -21.40 -21.94
CA PHE F 30 31.60 -20.99 -20.72
C PHE F 30 32.11 -22.25 -20.02
N ALA F 31 33.31 -22.16 -19.47
CA ALA F 31 33.97 -23.30 -18.81
C ALA F 31 33.12 -23.96 -17.71
N LEU F 32 32.31 -23.19 -17.02
CA LEU F 32 31.34 -23.72 -16.07
C LEU F 32 30.02 -24.01 -16.75
N ASN F 33 29.64 -25.28 -16.80
CA ASN F 33 28.44 -25.71 -17.51
C ASN F 33 28.01 -27.13 -17.13
N ILE F 34 26.81 -27.51 -17.58
CA ILE F 34 26.32 -28.87 -17.47
C ILE F 34 25.93 -29.40 -18.86
N MET F 35 26.57 -30.47 -19.30
CA MET F 35 26.15 -31.19 -20.51
C MET F 35 25.35 -32.40 -20.08
N GLY F 36 24.23 -32.64 -20.75
CA GLY F 36 23.30 -33.69 -20.36
C GLY F 36 22.51 -34.30 -21.49
N TRP F 37 21.76 -35.34 -21.15
CA TRP F 37 20.88 -36.04 -22.07
C TRP F 37 19.50 -36.10 -21.47
N TYR F 38 18.51 -35.63 -22.23
CA TYR F 38 17.10 -35.78 -21.88
C TYR F 38 16.48 -36.68 -22.93
N ARG F 39 15.26 -37.17 -22.65
CA ARG F 39 14.53 -38.01 -23.61
C ARG F 39 13.01 -37.84 -23.52
N GLN F 40 12.34 -37.98 -24.67
CA GLN F 40 10.90 -37.85 -24.74
C GLN F 40 10.28 -39.04 -25.48
N ALA F 41 9.80 -40.01 -24.71
CA ALA F 41 9.04 -41.16 -25.24
C ALA F 41 7.70 -40.67 -25.83
N PRO F 42 7.13 -41.42 -26.80
CA PRO F 42 6.03 -40.85 -27.58
C PRO F 42 4.77 -40.66 -26.73
N GLY F 43 4.20 -39.47 -26.78
CA GLY F 43 3.05 -39.11 -25.94
C GLY F 43 3.34 -39.11 -24.44
N LYS F 44 4.53 -38.61 -24.08
CA LYS F 44 4.93 -38.44 -22.68
C LYS F 44 5.73 -37.13 -22.57
N GLN F 45 6.17 -36.79 -21.37
CA GLN F 45 6.95 -35.57 -21.16
C GLN F 45 8.45 -35.86 -21.17
N ARG F 46 9.20 -34.85 -21.60
CA ARG F 46 10.67 -34.87 -21.60
C ARG F 46 11.17 -35.08 -20.17
N GLU F 47 11.99 -36.09 -19.96
CA GLU F 47 12.62 -36.35 -18.64
C GLU F 47 14.14 -36.27 -18.76
N LEU F 48 14.81 -36.08 -17.63
CA LEU F 48 16.26 -36.16 -17.58
C LEU F 48 16.67 -37.61 -17.60
N VAL F 49 17.75 -37.91 -18.32
CA VAL F 49 18.38 -39.22 -18.33
C VAL F 49 19.65 -39.15 -17.50
N ALA F 50 20.57 -38.27 -17.91
CA ALA F 50 21.87 -38.13 -17.26
C ALA F 50 22.52 -36.78 -17.55
N ALA F 51 23.30 -36.29 -16.60
CA ALA F 51 23.98 -35.00 -16.72
C ALA F 51 25.33 -35.03 -16.03
N ILE F 52 26.27 -34.27 -16.57
CA ILE F 52 27.60 -34.17 -15.99
C ILE F 52 28.08 -32.71 -16.01
N HIS F 53 28.46 -32.22 -14.83
CA HIS F 53 28.96 -30.86 -14.65
C HIS F 53 30.39 -30.80 -15.15
N SER F 54 30.82 -29.62 -15.58
CA SER F 54 32.21 -29.41 -16.05
C SER F 54 33.28 -29.85 -15.04
N GLY F 55 32.99 -29.62 -13.76
CA GLY F 55 33.84 -30.08 -12.66
C GLY F 55 34.04 -31.59 -12.62
N GLY F 56 32.97 -32.35 -12.85
CA GLY F 56 33.05 -33.82 -12.87
C GLY F 56 31.89 -34.59 -12.27
N THR F 57 31.15 -33.97 -11.35
CA THR F 57 30.00 -34.61 -10.70
C THR F 57 28.89 -34.96 -11.71
N THR F 58 28.08 -35.95 -11.36
CA THR F 58 27.04 -36.48 -12.25
C THR F 58 25.70 -36.65 -11.57
N ASN F 59 24.67 -36.91 -12.36
CA ASN F 59 23.30 -37.03 -11.88
C ASN F 59 22.53 -37.89 -12.87
N TYR F 60 21.94 -38.99 -12.38
CA TYR F 60 21.23 -39.96 -13.21
C TYR F 60 19.78 -40.12 -12.75
N ALA F 61 18.88 -40.36 -13.70
CA ALA F 61 17.49 -40.74 -13.37
C ALA F 61 17.45 -42.16 -12.82
N ASN F 62 16.44 -42.47 -12.02
CA ASN F 62 16.33 -43.77 -11.35
C ASN F 62 16.16 -44.94 -12.34
N SER F 63 15.31 -44.74 -13.34
CA SER F 63 15.06 -45.77 -14.36
C SER F 63 16.32 -46.30 -15.07
N VAL F 64 17.36 -45.47 -15.17
CA VAL F 64 18.60 -45.84 -15.88
C VAL F 64 19.85 -46.01 -15.00
N LYS F 65 19.70 -45.98 -13.67
CA LYS F 65 20.87 -46.09 -12.77
C LYS F 65 21.57 -47.44 -12.89
N GLY F 66 22.89 -47.42 -13.02
CA GLY F 66 23.68 -48.65 -13.16
C GLY F 66 23.77 -49.21 -14.58
N ARG F 67 22.83 -48.87 -15.44
CA ARG F 67 22.82 -49.32 -16.83
C ARG F 67 23.51 -48.31 -17.75
N PHE F 68 23.11 -47.05 -17.64
CA PHE F 68 23.67 -45.96 -18.45
C PHE F 68 24.86 -45.34 -17.74
N THR F 69 25.73 -44.66 -18.49
CA THR F 69 26.90 -43.97 -17.91
C THR F 69 27.27 -42.75 -18.76
N ILE F 70 27.25 -41.58 -18.14
CA ILE F 70 27.58 -40.33 -18.82
C ILE F 70 29.03 -39.96 -18.49
N SER F 71 29.74 -39.50 -19.50
CA SER F 71 31.12 -39.06 -19.37
C SER F 71 31.32 -37.96 -20.38
N ARG F 72 32.43 -37.25 -20.29
CA ARG F 72 32.70 -36.17 -21.24
C ARG F 72 34.17 -36.04 -21.58
N ASP F 73 34.42 -35.55 -22.79
CA ASP F 73 35.76 -35.40 -23.33
C ASP F 73 36.46 -34.29 -22.54
N ASN F 74 37.60 -34.63 -21.94
CA ASN F 74 38.42 -33.66 -21.20
C ASN F 74 38.89 -32.45 -22.06
N ALA F 75 39.18 -32.71 -23.35
CA ALA F 75 39.63 -31.65 -24.27
C ALA F 75 38.48 -30.80 -24.80
N ALA F 76 37.67 -31.37 -25.70
CA ALA F 76 36.58 -30.61 -26.37
C ALA F 76 35.27 -30.65 -25.57
N ASN F 77 34.25 -29.94 -26.05
CA ASN F 77 32.91 -29.97 -25.45
C ASN F 77 32.08 -31.07 -26.09
N THR F 78 32.39 -32.32 -25.72
CA THR F 78 31.68 -33.49 -26.22
C THR F 78 31.27 -34.36 -25.04
N VAL F 79 30.04 -34.85 -25.06
CA VAL F 79 29.49 -35.65 -23.97
C VAL F 79 28.95 -36.96 -24.53
N TYR F 80 29.30 -38.06 -23.86
CA TYR F 80 28.94 -39.42 -24.27
C TYR F 80 27.94 -40.02 -23.31
N LEU F 81 27.02 -40.84 -23.82
CA LEU F 81 26.12 -41.63 -22.98
C LEU F 81 26.23 -43.07 -23.42
N GLN F 82 26.90 -43.88 -22.58
CA GLN F 82 27.06 -45.30 -22.84
C GLN F 82 25.84 -46.02 -22.27
N MET F 83 24.91 -46.39 -23.14
CA MET F 83 23.67 -47.07 -22.75
C MET F 83 23.83 -48.58 -22.92
N ASN F 84 23.90 -49.31 -21.81
CA ASN F 84 23.94 -50.78 -21.80
C ASN F 84 22.63 -51.34 -21.25
N SER F 85 22.34 -52.61 -21.54
CA SER F 85 21.16 -53.33 -21.04
C SER F 85 19.83 -52.66 -21.40
N LEU F 86 19.72 -52.24 -22.66
CA LEU F 86 18.55 -51.50 -23.10
C LEU F 86 17.27 -52.34 -23.01
N LYS F 87 16.14 -51.65 -22.81
CA LYS F 87 14.81 -52.27 -22.72
C LYS F 87 13.87 -51.54 -23.68
N PRO F 88 12.72 -52.16 -24.01
CA PRO F 88 11.73 -51.43 -24.83
C PRO F 88 11.20 -50.12 -24.23
N GLU F 89 11.26 -49.97 -22.91
CA GLU F 89 10.86 -48.74 -22.21
C GLU F 89 11.82 -47.56 -22.48
N ASP F 90 13.07 -47.86 -22.81
CA ASP F 90 14.07 -46.81 -23.12
C ASP F 90 13.87 -46.15 -24.49
N THR F 91 12.96 -46.66 -25.31
CA THR F 91 12.70 -46.10 -26.64
C THR F 91 12.14 -44.68 -26.57
N ALA F 92 12.88 -43.74 -27.16
CA ALA F 92 12.49 -42.33 -27.19
C ALA F 92 13.37 -41.51 -28.14
N VAL F 93 12.96 -40.27 -28.39
CA VAL F 93 13.85 -39.27 -29.00
C VAL F 93 14.74 -38.72 -27.89
N TYR F 94 16.07 -38.90 -28.03
CA TYR F 94 17.04 -38.43 -27.03
C TYR F 94 17.62 -37.08 -27.46
N TYR F 95 17.54 -36.10 -26.56
CA TYR F 95 18.04 -34.74 -26.79
C TYR F 95 19.28 -34.42 -25.96
N CYS F 96 20.27 -33.83 -26.61
CA CYS F 96 21.44 -33.32 -25.93
C CYS F 96 21.08 -31.96 -25.38
N ASN F 97 21.71 -31.57 -24.27
CA ASN F 97 21.44 -30.27 -23.65
C ASN F 97 22.69 -29.71 -22.97
N VAL F 98 22.92 -28.42 -23.18
CA VAL F 98 24.01 -27.70 -22.53
C VAL F 98 23.44 -26.49 -21.78
N LYS F 99 23.62 -26.48 -20.45
CA LYS F 99 23.33 -25.34 -19.60
C LYS F 99 24.60 -24.54 -19.38
N ASP F 100 24.64 -23.34 -19.96
CA ASP F 100 25.80 -22.46 -19.91
C ASP F 100 25.62 -21.47 -18.75
N PHE F 101 26.64 -21.33 -17.90
CA PHE F 101 26.57 -20.44 -16.74
C PHE F 101 27.32 -19.10 -16.93
N GLY F 102 27.53 -18.70 -18.19
CA GLY F 102 28.34 -17.54 -18.51
C GLY F 102 27.80 -16.18 -18.09
N ALA F 103 26.49 -16.08 -17.88
CA ALA F 103 25.87 -14.83 -17.40
C ALA F 103 25.80 -14.72 -15.87
N ILE F 104 26.13 -15.79 -15.16
CA ILE F 104 26.25 -15.81 -13.68
C ILE F 104 24.90 -15.84 -12.94
N ILE F 105 23.98 -14.94 -13.30
CA ILE F 105 22.70 -14.76 -12.61
C ILE F 105 21.64 -15.71 -13.15
N TYR F 106 21.73 -16.00 -14.44
CA TYR F 106 20.84 -16.95 -15.10
C TYR F 106 21.66 -17.91 -16.00
N ASP F 107 21.04 -19.04 -16.30
CA ASP F 107 21.69 -20.06 -17.14
C ASP F 107 21.05 -20.01 -18.52
N TYR F 108 21.89 -20.18 -19.55
CA TYR F 108 21.43 -20.19 -20.93
C TYR F 108 21.43 -21.63 -21.43
N ASP F 109 20.34 -22.03 -22.09
CA ASP F 109 20.16 -23.41 -22.56
C ASP F 109 20.33 -23.56 -24.07
N TYR F 110 21.01 -24.65 -24.45
CA TYR F 110 21.13 -25.08 -25.84
C TYR F 110 20.56 -26.49 -25.92
N TRP F 111 19.66 -26.71 -26.89
CA TRP F 111 19.13 -28.05 -27.16
C TRP F 111 19.50 -28.52 -28.56
N GLY F 112 19.84 -29.81 -28.67
CA GLY F 112 20.00 -30.44 -29.96
C GLY F 112 18.65 -30.72 -30.61
N GLN F 113 18.68 -31.04 -31.91
CA GLN F 113 17.47 -31.41 -32.65
C GLN F 113 16.81 -32.70 -32.15
N GLY F 114 17.64 -33.62 -31.66
CA GLY F 114 17.19 -34.93 -31.17
C GLY F 114 17.68 -36.05 -32.08
N THR F 115 17.72 -37.25 -31.52
CA THR F 115 18.12 -38.44 -32.26
C THR F 115 17.28 -39.63 -31.77
N GLN F 116 16.72 -40.40 -32.71
CA GLN F 116 15.85 -41.52 -32.37
C GLN F 116 16.68 -42.68 -31.83
N VAL F 117 16.14 -43.32 -30.81
CA VAL F 117 16.66 -44.55 -30.27
C VAL F 117 15.44 -45.46 -30.12
N THR F 118 15.40 -46.54 -30.90
CA THR F 118 14.31 -47.50 -30.86
C THR F 118 14.85 -48.85 -30.40
N VAL F 119 14.29 -49.38 -29.32
CA VAL F 119 14.71 -50.65 -28.76
C VAL F 119 13.57 -51.65 -28.94
N SER F 120 13.81 -52.67 -29.76
CA SER F 120 12.82 -53.72 -30.03
C SER F 120 13.03 -54.90 -29.09
N SER F 121 11.96 -55.68 -28.92
CA SER F 121 11.97 -56.88 -28.08
C SER F 121 12.39 -58.09 -28.90
C4 FVK G . -19.81 -8.32 -8.43
C5 FVK G . -17.74 -9.42 -9.38
C6 FVK G . -15.77 -8.14 -10.06
C3 FVK G . -21.22 -8.56 -8.89
C1 FVK G . -19.54 -10.73 -8.34
C2 FVK G . -20.94 -10.87 -8.87
O2 FVK G . -17.21 -10.45 -9.80
O5 FVK G . -15.50 -5.16 -5.90
O4 FVK G . -6.91 -3.76 -5.08
O3 FVK G . -11.99 -5.89 -5.32
O1 FVK G . -21.75 -9.79 -8.42
N1 FVK G . -18.96 -9.46 -8.77
N2 FVK G . -17.09 -8.27 -9.46
C7 FVK G . -14.93 -7.06 -9.39
N3 FVK G . -15.15 -6.97 -7.95
C8 FVK G . -13.96 -6.49 -7.23
C9 FVK G . -14.31 -5.93 -5.86
C10 FVK G . -13.17 -5.08 -5.34
C11 FVK G . -10.75 -5.30 -5.26
C12 FVK G . -9.66 -6.16 -5.30
C13 FVK G . -8.37 -5.64 -5.25
C14 FVK G . -8.17 -4.27 -5.14
C15 FVK G . -9.26 -3.43 -5.09
C16 FVK G . -10.55 -3.93 -5.15
NA NA H . -13.94 -13.32 -20.37
C9 2CV I . 2.70 6.52 -7.63
C12 2CV I . 2.91 5.10 -7.10
C15 2CV I . 2.53 4.07 -8.16
C18 2CV I . 2.99 2.64 -7.84
C21 2CV I . 1.84 1.73 -7.43
C24 2CV I . 2.32 0.50 -6.66
C27 2CV I . 3.02 -0.53 -7.55
C30 2CV I . 2.02 -1.54 -8.12
N33 2CV I . 1.94 -2.82 -7.69
O34 2CV I . 1.26 -1.11 -8.98
C35 2CV I . 2.96 -3.50 -6.87
C36 2CV I . 0.73 -3.62 -7.97
C37 2CV I . 0.78 -4.25 -9.36
C40 2CV I . 1.73 -5.46 -9.53
C41 2CV I . 1.18 -6.43 -10.58
C42 2CV I . 1.88 -7.80 -10.59
C43 2CV I . 1.45 -8.67 -11.78
O44 2CV I . 2.20 -9.90 -11.88
O47 2CV I . 1.16 -3.26 -10.32
O49 2CV I . 1.94 -6.16 -8.30
O51 2CV I . 1.31 -5.80 -11.85
O53 2CV I . 1.54 -8.47 -9.38
C60 2CV I . 4.15 -3.84 -7.74
O63 2CV I . 4.38 -5.26 -7.74
C1 2CV I . 2.32 7.53 -6.55
C0 2CV I . 1.76 8.79 -7.17
C9 2CV J . -13.16 9.80 -12.22
C12 2CV J . -13.54 10.61 -10.98
C15 2CV J . -12.46 11.61 -10.62
C18 2CV J . -12.95 12.47 -9.46
C21 2CV J . -11.86 13.40 -8.94
C24 2CV J . -12.38 14.11 -7.71
C27 2CV J . -11.54 15.33 -7.40
C30 2CV J . -12.11 16.13 -6.23
N33 2CV J . -11.49 17.30 -5.86
O34 2CV J . -13.11 15.71 -5.65
C35 2CV J . -11.85 17.99 -4.62
C36 2CV J . -10.45 17.98 -6.66
C37 2CV J . -9.09 17.31 -6.48
C60 2CV J . -12.82 19.11 -4.98
C1 2CV J . -13.94 8.47 -12.26
C0 2CV J . -13.54 7.66 -13.47
C9 2CV K . 5.08 -0.48 0.38
C12 2CV K . 4.21 -1.38 -0.51
C15 2CV K . 5.02 -2.57 -1.04
C18 2CV K . 5.03 -3.71 -0.02
C21 2CV K . 3.87 -4.68 -0.15
C24 2CV K . 3.67 -5.29 -1.53
C27 2CV K . 4.95 -5.83 -2.18
C30 2CV K . 4.71 -7.25 -2.65
N33 2CV K . 4.83 -8.31 -1.82
O34 2CV K . 4.41 -7.34 -3.82
C35 2CV K . 4.92 -8.17 -0.34
C36 2CV K . 4.95 -9.74 -2.19
C37 2CV K . 4.35 -10.21 -3.50
C40 2CV K . 4.74 -11.69 -3.71
C41 2CV K . 5.05 -12.12 -5.15
C42 2CV K . 5.68 -13.54 -5.25
C43 2CV K . 6.41 -13.86 -6.55
O44 2CV K . 7.27 -15.00 -6.35
O47 2CV K . 4.82 -9.44 -4.59
O49 2CV K . 3.66 -12.47 -3.22
O51 2CV K . 5.92 -11.14 -5.70
O53 2CV K . 4.68 -14.55 -5.12
C60 2CV K . 3.52 -8.34 0.25
O63 2CV K . 3.36 -9.64 0.83
C1 2CV K . 4.27 0.53 1.19
C0 2CV K . 4.47 0.38 2.69
C9 2CV L . -1.95 5.65 1.93
C12 2CV L . -2.69 6.97 1.73
C15 2CV L . -2.18 7.75 0.51
C18 2CV L . -1.82 9.23 0.76
C21 2CV L . -0.40 9.62 0.28
C24 2CV L . -0.26 11.10 -0.09
C27 2CV L . 0.94 11.76 0.62
C30 2CV L . 1.19 13.22 0.23
N33 2CV L . 2.05 13.99 0.97
O34 2CV L . 0.65 13.66 -0.78
C35 2CV L . 2.98 13.38 1.96
C36 2CV L . 2.11 15.48 0.82
C37 2CV L . 3.56 15.96 0.59
C40 2CV L . 3.75 17.48 0.39
C41 2CV L . 3.75 18.00 -1.05
C42 2CV L . 3.66 19.52 -1.18
C43 2CV L . 4.69 20.28 -0.34
O44 2CV L . 4.67 21.67 -0.68
O47 2CV L . 4.15 15.25 -0.52
O49 2CV L . 5.03 17.78 0.96
O51 2CV L . 2.61 17.45 -1.73
O53 2CV L . 2.36 19.96 -0.77
C60 2CV L . 2.63 13.84 3.38
O63 2CV L . 3.46 13.11 4.30
C1 2CV L . -2.26 4.60 0.86
C0 2CV L . -1.09 3.67 0.59
C4 FVK M . 18.50 11.08 2.39
C5 FVK M . 19.09 11.09 4.86
C6 FVK M . 18.52 9.27 6.39
C3 FVK M . 17.77 12.19 1.66
C1 FVK M . 20.00 12.76 3.29
C2 FVK M . 19.19 13.81 2.56
O2 FVK M . 19.49 11.76 5.82
O5 FVK M . 20.02 5.43 3.33
O4 FVK M . 22.70 -0.69 8.97
O3 FVK M . 22.07 3.85 5.88
O1 FVK M . 18.63 13.29 1.36
N1 FVK M . 19.16 11.60 3.59
N2 FVK M . 18.59 9.89 5.06
C7 FVK M . 18.69 7.76 6.34
N3 FVK M . 19.64 7.31 5.32
C8 FVK M . 20.32 6.05 5.67
C9 FVK M . 20.90 5.36 4.45
C10 FVK M . 21.18 3.91 4.76
C11 FVK M . 22.18 2.69 6.61
C12 FVK M . 23.01 2.74 7.73
C13 FVK M . 23.18 1.61 8.51
C14 FVK M . 22.54 0.42 8.20
C15 FVK M . 21.72 0.37 7.08
C16 FVK M . 21.54 1.49 6.29
NA NA N . 14.42 15.53 15.31
C9 2CV O . 7.71 -3.45 3.80
C12 2CV O . 6.86 -4.61 4.32
C15 2CV O . 7.67 -5.90 4.49
C18 2CV O . 7.71 -6.71 3.20
C21 2CV O . 8.38 -8.06 3.43
C24 2CV O . 7.65 -9.11 2.64
C27 2CV O . 8.40 -10.42 2.67
C30 2CV O . 7.64 -11.38 1.76
N33 2CV O . 7.95 -11.49 0.46
O34 2CV O . 6.75 -12.03 2.27
C35 2CV O . 9.06 -10.72 -0.11
C36 2CV O . 7.15 -12.42 -0.39
C37 2CV O . 7.91 -13.73 -0.64
C40 2CV O . 7.10 -15.01 -0.41
C41 2CV O . 6.34 -15.39 -1.68
C42 2CV O . 5.27 -16.46 -1.42
C43 2CV O . 4.72 -17.11 -2.68
O44 2CV O . 5.65 -18.02 -3.29
O47 2CV O . 9.06 -13.83 0.20
O49 2CV O . 6.22 -14.85 0.70
O51 2CV O . 7.30 -15.86 -2.64
O53 2CV O . 4.18 -15.85 -0.72
C60 2CV O . 9.11 -10.64 -1.63
O63 2CV O . 9.54 -11.87 -2.26
C1 2CV O . 8.67 -2.84 4.84
C0 2CV O . 8.01 -2.47 6.15
#